data_5FI3
#
_entry.id   5FI3
#
_cell.length_a   102.410
_cell.length_b   112.310
_cell.length_c   57.110
_cell.angle_alpha   90.000
_cell.angle_beta   90.000
_cell.angle_gamma   90.000
#
_symmetry.space_group_name_H-M   'P 21 21 2'
#
loop_
_entity.id
_entity.type
_entity.pdbx_description
1 polymer 'Tetrahydroalstonine synthase'
2 non-polymer 'NADP NICOTINAMIDE-ADENINE-DINUCLEOTIDE PHOSPHATE'
3 non-polymer 'ZINC ION'
4 non-polymer 1,2-ETHANEDIOL
5 water water
#
_entity_poly.entity_id   1
_entity_poly.type   'polypeptide(L)'
_entity_poly.pdbx_seq_one_letter_code
;GPAMASKSPSEEVYPVKAFGLAAKDSSGLFSPFNFSRRATGEHDVQLKVLYCGTCQYDREMSKNKFGFTSYPYVLGHEIV
GEVTEVGSKVQKFKVGDKVGVASIIETCGKCEMCTNEVENYCPEAGSIDSNYGACSNIAVINENFVIRWPENLPLDSGVP
LLCAGITAYSPMKRYGLDKPGKRIGIAGLGGLGHVALRFAKAFGAKVTVISSSLKKKREAFEKFGADSFLVSSNPEEMQG
AAGTLDGIIDTIPGNHSLEPLLALLKPLGKLIILGAPEMPFEVPAPSLLMGGKVMAASTAGSMKEIQEMIEFAAEHNIVA
DVEVISIDYVNTAMERLDNSDVRYRFVIDIGNTLKSN
;
_entity_poly.pdbx_strand_id   A,B
#
loop_
_chem_comp.id
_chem_comp.type
_chem_comp.name
_chem_comp.formula
EDO non-polymer 1,2-ETHANEDIOL 'C2 H6 O2'
NAP non-polymer 'NADP NICOTINAMIDE-ADENINE-DINUCLEOTIDE PHOSPHATE' 'C21 H28 N7 O17 P3'
ZN non-polymer 'ZINC ION' 'Zn 2'
#
# COMPACT_ATOMS: atom_id res chain seq x y z
N VAL A 13 14.56 9.58 -39.23
CA VAL A 13 15.10 10.94 -39.59
C VAL A 13 16.57 11.17 -39.26
N TYR A 14 17.29 10.14 -38.81
CA TYR A 14 18.63 10.29 -38.27
C TYR A 14 19.66 9.60 -39.13
N PRO A 15 20.96 9.88 -38.86
CA PRO A 15 21.99 9.42 -39.80
C PRO A 15 22.46 7.99 -39.66
N VAL A 16 22.33 7.39 -38.49
CA VAL A 16 22.98 6.09 -38.26
C VAL A 16 21.99 4.99 -38.61
N LYS A 17 22.37 4.13 -39.55
CA LYS A 17 21.49 3.05 -39.97
C LYS A 17 21.27 2.05 -38.86
N ALA A 18 20.01 1.69 -38.68
CA ALA A 18 19.65 0.64 -37.72
C ALA A 18 18.72 -0.34 -38.38
N PHE A 19 18.72 -1.56 -37.85
CA PHE A 19 17.80 -2.56 -38.33
C PHE A 19 17.49 -3.55 -37.21
N GLY A 20 16.29 -4.09 -37.25
CA GLY A 20 15.89 -5.04 -36.22
C GLY A 20 14.56 -5.66 -36.61
N LEU A 21 13.72 -5.92 -35.61
CA LEU A 21 12.41 -6.50 -35.83
C LEU A 21 11.34 -5.52 -35.36
N ALA A 22 10.24 -5.46 -36.12
CA ALA A 22 9.10 -4.64 -35.72
C ALA A 22 7.78 -5.35 -36.01
N ALA A 23 6.78 -5.08 -35.17
CA ALA A 23 5.40 -5.48 -35.45
C ALA A 23 4.71 -4.31 -36.13
N LYS A 24 3.96 -4.63 -37.18
CA LYS A 24 3.20 -3.63 -37.97
C LYS A 24 1.83 -3.31 -37.35
N ASP A 25 1.23 -4.28 -36.65
CA ASP A 25 -0.16 -4.15 -36.18
C ASP A 25 -0.41 -5.07 -35.00
N SER A 26 -1.62 -5.00 -34.46
CA SER A 26 -1.98 -5.70 -33.24
C SER A 26 -2.11 -7.22 -33.35
N SER A 27 -1.86 -7.83 -34.53
CA SER A 27 -1.55 -9.28 -34.58
C SER A 27 -0.29 -9.58 -33.78
N GLY A 28 0.60 -8.61 -33.64
CA GLY A 28 1.88 -8.83 -32.98
C GLY A 28 2.93 -9.59 -33.79
N LEU A 29 2.70 -9.77 -35.09
CA LEU A 29 3.67 -10.48 -35.92
C LEU A 29 4.93 -9.61 -36.21
N PHE A 30 6.13 -10.10 -35.87
CA PHE A 30 7.38 -9.34 -36.09
C PHE A 30 8.01 -9.65 -37.45
N SER A 31 8.60 -8.61 -38.07
N SER A 31 8.59 -8.62 -38.07
CA SER A 31 9.27 -8.72 -39.36
CA SER A 31 9.28 -8.76 -39.36
C SER A 31 10.50 -7.83 -39.39
C SER A 31 10.51 -7.84 -39.40
N PRO A 32 11.45 -8.10 -40.33
CA PRO A 32 12.62 -7.21 -40.45
C PRO A 32 12.22 -5.77 -40.72
N PHE A 33 12.92 -4.82 -40.09
CA PHE A 33 12.53 -3.41 -40.16
C PHE A 33 13.83 -2.58 -40.12
N ASN A 34 13.94 -1.65 -41.07
CA ASN A 34 15.02 -0.68 -41.14
C ASN A 34 14.60 0.65 -40.54
N PHE A 35 15.50 1.28 -39.80
CA PHE A 35 15.22 2.57 -39.19
C PHE A 35 16.55 3.29 -38.95
N SER A 36 16.58 4.25 -38.03
CA SER A 36 17.81 5.03 -37.82
C SER A 36 17.94 5.46 -36.38
N ARG A 37 19.20 5.78 -36.00
CA ARG A 37 19.56 6.32 -34.68
C ARG A 37 20.30 7.64 -34.86
N ARG A 38 20.15 8.53 -33.88
CA ARG A 38 20.91 9.77 -33.86
C ARG A 38 22.41 9.50 -33.85
N ALA A 39 23.15 10.45 -34.40
CA ALA A 39 24.59 10.46 -34.20
C ALA A 39 24.91 10.57 -32.71
N THR A 40 26.08 10.10 -32.34
CA THR A 40 26.51 10.10 -30.94
C THR A 40 26.79 11.52 -30.47
N GLY A 41 25.95 12.06 -29.58
CA GLY A 41 26.15 13.37 -28.98
C GLY A 41 27.16 13.34 -27.85
N GLU A 42 27.42 14.53 -27.30
N GLU A 42 27.42 14.53 -27.29
CA GLU A 42 28.51 14.69 -26.35
CA GLU A 42 28.48 14.70 -26.30
C GLU A 42 28.39 13.81 -25.09
C GLU A 42 28.39 13.79 -25.09
N HIS A 43 27.16 13.48 -24.70
CA HIS A 43 26.91 12.62 -23.54
C HIS A 43 26.32 11.26 -23.88
N ASP A 44 26.42 10.87 -25.15
CA ASP A 44 25.85 9.61 -25.61
C ASP A 44 26.87 8.49 -25.64
N VAL A 45 26.31 7.28 -25.52
CA VAL A 45 27.00 6.02 -25.71
C VAL A 45 26.33 5.29 -26.88
N GLN A 46 27.06 5.01 -27.96
CA GLN A 46 26.59 4.11 -29.00
C GLN A 46 27.07 2.73 -28.63
N LEU A 47 26.20 1.75 -28.79
CA LEU A 47 26.56 0.37 -28.49
C LEU A 47 26.00 -0.57 -29.54
N LYS A 48 26.75 -1.65 -29.75
CA LYS A 48 26.23 -2.78 -30.52
CA LYS A 48 26.24 -2.77 -30.52
C LYS A 48 25.54 -3.73 -29.57
N VAL A 49 24.33 -4.11 -29.91
CA VAL A 49 23.54 -4.98 -29.04
C VAL A 49 24.06 -6.39 -29.15
N LEU A 50 24.28 -7.05 -28.02
CA LEU A 50 24.70 -8.45 -27.99
C LEU A 50 23.57 -9.41 -27.65
N TYR A 51 22.81 -9.10 -26.59
CA TYR A 51 21.65 -9.92 -26.23
C TYR A 51 20.51 -8.97 -25.90
N CYS A 52 19.34 -9.34 -26.37
CA CYS A 52 18.11 -8.61 -26.09
C CYS A 52 17.15 -9.55 -25.39
N GLY A 53 16.90 -9.33 -24.11
CA GLY A 53 15.92 -10.14 -23.44
C GLY A 53 14.55 -9.81 -23.98
N THR A 54 13.64 -10.77 -23.92
CA THR A 54 12.24 -10.46 -24.18
C THR A 54 11.38 -11.14 -23.13
N CYS A 55 10.10 -10.81 -23.16
CA CYS A 55 9.26 -11.14 -22.02
C CYS A 55 7.82 -10.90 -22.35
N GLN A 56 6.95 -11.24 -21.40
CA GLN A 56 5.52 -11.09 -21.58
C GLN A 56 5.14 -9.69 -21.98
N TYR A 57 5.78 -8.67 -21.42
CA TYR A 57 5.48 -7.30 -21.75
C TYR A 57 5.60 -7.03 -23.24
N ASP A 58 6.63 -7.62 -23.89
CA ASP A 58 6.73 -7.46 -25.35
C ASP A 58 5.57 -8.11 -26.10
N ARG A 59 5.14 -9.28 -25.65
CA ARG A 59 3.98 -9.92 -26.29
C ARG A 59 2.74 -9.05 -26.08
N GLU A 60 2.52 -8.61 -24.84
CA GLU A 60 1.37 -7.76 -24.50
C GLU A 60 1.36 -6.49 -25.34
N MET A 61 2.52 -5.81 -25.39
CA MET A 61 2.63 -4.60 -26.19
C MET A 61 2.43 -4.83 -27.67
N SER A 62 3.00 -5.92 -28.17
CA SER A 62 2.91 -6.19 -29.60
C SER A 62 1.45 -6.37 -30.03
N LYS A 63 0.61 -6.87 -29.12
CA LYS A 63 -0.82 -7.05 -29.36
C LYS A 63 -1.70 -5.94 -28.79
N ASN A 64 -1.08 -4.84 -28.39
CA ASN A 64 -1.81 -3.68 -27.87
C ASN A 64 -2.73 -3.97 -26.69
N LYS A 65 -2.28 -4.82 -25.75
CA LYS A 65 -3.11 -5.19 -24.58
C LYS A 65 -3.57 -3.96 -23.78
N PHE A 66 -2.69 -2.97 -23.67
CA PHE A 66 -2.90 -1.82 -22.80
C PHE A 66 -3.47 -0.60 -23.53
N GLY A 67 -3.57 -0.70 -24.86
CA GLY A 67 -4.16 0.35 -25.68
C GLY A 67 -3.26 1.50 -26.07
N PHE A 68 -1.97 1.46 -25.67
CA PHE A 68 -1.07 2.60 -25.95
C PHE A 68 0.08 2.26 -26.92
N THR A 69 0.04 1.09 -27.57
CA THR A 69 1.09 0.72 -28.52
C THR A 69 1.01 1.57 -29.77
N SER A 70 2.17 2.07 -30.20
CA SER A 70 2.27 2.81 -31.46
C SER A 70 3.01 1.89 -32.44
N TYR A 71 2.45 1.72 -33.62
CA TYR A 71 3.02 0.85 -34.64
C TYR A 71 3.68 1.72 -35.72
N PRO A 72 4.81 1.29 -36.27
CA PRO A 72 5.49 0.01 -35.97
C PRO A 72 6.14 -0.04 -34.58
N TYR A 73 6.05 -1.21 -33.96
CA TYR A 73 6.58 -1.44 -32.62
C TYR A 73 7.86 -2.27 -32.72
N VAL A 74 9.02 -1.67 -32.39
CA VAL A 74 10.31 -2.37 -32.36
C VAL A 74 10.50 -2.77 -30.94
N LEU A 75 10.46 -4.08 -30.68
CA LEU A 75 10.63 -4.55 -29.31
C LEU A 75 12.05 -4.39 -28.86
N GLY A 76 12.22 -4.48 -27.54
CA GLY A 76 13.53 -4.60 -26.94
C GLY A 76 13.82 -3.56 -25.87
N HIS A 77 13.57 -3.94 -24.64
CA HIS A 77 13.72 -2.99 -23.56
C HIS A 77 14.66 -3.47 -22.49
N GLU A 78 15.42 -4.52 -22.75
CA GLU A 78 16.36 -5.10 -21.79
C GLU A 78 17.52 -5.62 -22.62
N ILE A 79 18.64 -4.88 -22.60
CA ILE A 79 19.74 -5.19 -23.48
C ILE A 79 21.06 -5.14 -22.76
N VAL A 80 21.94 -6.02 -23.26
CA VAL A 80 23.35 -5.91 -22.96
C VAL A 80 24.07 -5.79 -24.29
N GLY A 81 25.13 -5.01 -24.30
CA GLY A 81 25.89 -4.78 -25.52
C GLY A 81 27.26 -4.26 -25.23
N GLU A 82 27.92 -3.82 -26.30
CA GLU A 82 29.30 -3.40 -26.25
C GLU A 82 29.42 -2.01 -26.84
N VAL A 83 30.09 -1.11 -26.12
CA VAL A 83 30.21 0.25 -26.56
C VAL A 83 31.04 0.33 -27.85
N THR A 84 30.52 1.08 -28.82
CA THR A 84 31.19 1.31 -30.09
C THR A 84 31.66 2.75 -30.27
N GLU A 85 31.02 3.71 -29.61
N GLU A 85 31.00 3.71 -29.63
CA GLU A 85 31.43 5.11 -29.71
CA GLU A 85 31.40 5.12 -29.69
C GLU A 85 30.96 5.79 -28.45
C GLU A 85 30.97 5.78 -28.42
N VAL A 86 31.74 6.76 -27.96
CA VAL A 86 31.29 7.62 -26.87
C VAL A 86 31.45 9.06 -27.25
N GLY A 87 30.56 9.88 -26.71
CA GLY A 87 30.65 11.32 -26.95
C GLY A 87 31.82 11.95 -26.23
N SER A 88 32.16 13.15 -26.64
CA SER A 88 33.38 13.83 -26.16
C SER A 88 33.39 14.13 -24.67
N LYS A 89 32.21 14.16 -24.04
CA LYS A 89 32.14 14.44 -22.62
C LYS A 89 31.94 13.20 -21.76
N VAL A 90 31.88 12.02 -22.39
CA VAL A 90 31.68 10.79 -21.68
C VAL A 90 33.02 10.28 -21.11
N GLN A 91 33.06 10.10 -19.80
CA GLN A 91 34.24 9.56 -19.11
C GLN A 91 34.02 8.17 -18.55
N LYS A 92 32.78 7.87 -18.16
CA LYS A 92 32.49 6.65 -17.44
C LYS A 92 32.60 5.40 -18.32
N PHE A 93 32.32 5.55 -19.61
CA PHE A 93 32.34 4.44 -20.55
C PHE A 93 33.41 4.67 -21.60
N LYS A 94 33.94 3.56 -22.08
CA LYS A 94 34.97 3.52 -23.10
C LYS A 94 34.56 2.50 -24.15
N VAL A 95 35.09 2.68 -25.36
CA VAL A 95 34.90 1.71 -26.41
C VAL A 95 35.25 0.31 -25.94
N GLY A 96 34.37 -0.64 -26.27
CA GLY A 96 34.57 -2.03 -25.90
C GLY A 96 33.94 -2.42 -24.57
N ASP A 97 33.55 -1.47 -23.74
CA ASP A 97 32.93 -1.84 -22.47
C ASP A 97 31.65 -2.60 -22.70
N LYS A 98 31.42 -3.64 -21.90
CA LYS A 98 30.12 -4.29 -21.84
C LYS A 98 29.21 -3.46 -20.94
N VAL A 99 27.99 -3.23 -21.42
CA VAL A 99 27.04 -2.35 -20.77
C VAL A 99 25.64 -2.93 -20.83
N GLY A 100 24.81 -2.46 -19.91
CA GLY A 100 23.39 -2.80 -19.88
C GLY A 100 22.55 -1.55 -19.95
N VAL A 101 21.36 -1.73 -20.54
CA VAL A 101 20.34 -0.68 -20.65
C VAL A 101 18.98 -1.31 -20.32
N ALA A 102 18.22 -0.62 -19.47
CA ALA A 102 16.89 -1.03 -19.10
C ALA A 102 15.84 -0.24 -19.86
N SER A 103 14.62 -0.20 -19.35
CA SER A 103 13.53 0.28 -20.15
C SER A 103 13.41 1.78 -20.26
N ILE A 104 13.89 2.53 -19.29
N ILE A 104 13.91 2.54 -19.30
CA ILE A 104 13.77 3.99 -19.28
CA ILE A 104 13.79 3.99 -19.35
C ILE A 104 15.10 4.58 -19.72
C ILE A 104 15.11 4.58 -19.73
N ILE A 105 15.08 5.43 -20.74
CA ILE A 105 16.31 6.01 -21.29
CA ILE A 105 16.30 6.01 -21.28
C ILE A 105 16.27 7.53 -21.41
N GLU A 106 15.19 8.16 -20.96
N GLU A 106 15.19 8.16 -20.97
CA GLU A 106 15.09 9.61 -20.98
CA GLU A 106 15.13 9.63 -20.94
C GLU A 106 14.03 10.03 -19.98
C GLU A 106 14.04 10.02 -19.97
N THR A 107 14.28 11.10 -19.24
CA THR A 107 13.30 11.67 -18.34
C THR A 107 13.42 13.20 -18.40
N CYS A 108 12.54 13.91 -17.71
CA CYS A 108 12.58 15.36 -17.83
C CYS A 108 13.78 15.98 -17.15
N GLY A 109 14.28 15.35 -16.11
CA GLY A 109 15.48 15.78 -15.38
C GLY A 109 15.28 16.86 -14.33
N LYS A 110 14.06 17.36 -14.19
CA LYS A 110 13.81 18.56 -13.37
C LYS A 110 12.64 18.46 -12.39
N CYS A 111 11.82 17.43 -12.48
CA CYS A 111 10.71 17.24 -11.56
C CYS A 111 11.16 16.63 -10.25
N GLU A 112 10.22 16.53 -9.31
CA GLU A 112 10.54 15.97 -8.02
C GLU A 112 11.08 14.54 -8.13
N MET A 113 10.47 13.74 -8.99
CA MET A 113 10.90 12.35 -9.12
C MET A 113 12.32 12.25 -9.72
N CYS A 114 12.60 13.09 -10.71
CA CYS A 114 13.91 13.10 -11.31
C CYS A 114 15.00 13.56 -10.35
N THR A 115 14.73 14.66 -9.65
CA THR A 115 15.73 15.26 -8.76
C THR A 115 15.96 14.41 -7.51
N ASN A 116 14.96 13.61 -7.13
CA ASN A 116 15.12 12.65 -6.01
C ASN A 116 15.60 11.27 -6.43
N GLU A 117 16.10 11.14 -7.64
CA GLU A 117 16.73 9.92 -8.12
C GLU A 117 15.77 8.74 -8.16
N VAL A 118 14.48 9.04 -8.38
CA VAL A 118 13.46 8.04 -8.66
C VAL A 118 12.82 8.37 -10.00
N GLU A 119 13.70 8.56 -10.99
CA GLU A 119 13.29 9.11 -12.27
C GLU A 119 12.44 8.18 -13.11
N ASN A 120 12.42 6.90 -12.77
CA ASN A 120 11.48 6.00 -13.42
C ASN A 120 10.03 6.40 -13.19
N TYR A 121 9.78 7.22 -12.17
CA TYR A 121 8.43 7.76 -11.92
C TYR A 121 8.24 9.15 -12.45
N CYS A 122 9.18 9.66 -13.23
CA CYS A 122 8.96 10.93 -13.93
C CYS A 122 7.70 10.83 -14.74
N PRO A 123 6.73 11.76 -14.56
CA PRO A 123 5.57 11.70 -15.43
C PRO A 123 5.87 11.74 -16.94
N GLU A 124 7.04 12.26 -17.33
CA GLU A 124 7.49 12.31 -18.73
C GLU A 124 8.61 11.31 -19.07
N ALA A 125 8.72 10.23 -18.28
CA ALA A 125 9.75 9.23 -18.53
C ALA A 125 9.51 8.64 -19.90
N GLY A 126 10.61 8.46 -20.62
CA GLY A 126 10.64 7.91 -21.96
C GLY A 126 11.22 6.49 -22.00
N SER A 127 10.40 5.54 -22.45
CA SER A 127 10.82 4.16 -22.53
C SER A 127 11.68 3.95 -23.78
N ILE A 128 12.61 3.00 -23.71
CA ILE A 128 13.44 2.67 -24.87
C ILE A 128 12.61 2.17 -26.05
N ASP A 129 11.55 1.40 -25.78
CA ASP A 129 10.70 0.87 -26.84
C ASP A 129 9.70 1.88 -27.42
N SER A 130 9.53 3.03 -26.78
CA SER A 130 8.62 4.07 -27.29
C SER A 130 9.16 4.78 -28.54
N ASN A 131 10.49 4.78 -28.72
CA ASN A 131 11.16 5.39 -29.88
C ASN A 131 12.09 4.38 -30.59
N TYR A 132 11.54 3.19 -30.79
CA TYR A 132 12.22 2.02 -31.31
C TYR A 132 13.19 1.38 -30.33
N GLY A 133 12.76 0.24 -29.82
CA GLY A 133 13.55 -0.54 -28.93
C GLY A 133 14.79 -1.14 -29.55
N ALA A 134 15.44 -1.94 -28.74
CA ALA A 134 16.81 -2.32 -29.07
C ALA A 134 16.95 -3.82 -29.37
N CYS A 135 15.88 -4.47 -29.89
CA CYS A 135 16.07 -5.69 -30.67
C CYS A 135 16.55 -5.25 -32.07
N SER A 136 17.79 -4.82 -32.11
CA SER A 136 18.38 -4.12 -33.23
C SER A 136 19.87 -4.21 -33.17
N ASN A 137 20.51 -3.80 -34.26
CA ASN A 137 21.96 -3.89 -34.33
C ASN A 137 22.66 -2.96 -33.38
N ILE A 138 22.14 -1.74 -33.26
N ILE A 138 22.14 -1.73 -33.25
CA ILE A 138 22.79 -0.66 -32.54
CA ILE A 138 22.78 -0.70 -32.46
C ILE A 138 21.77 0.11 -31.71
C ILE A 138 21.75 0.08 -31.68
N ALA A 139 22.22 0.67 -30.59
CA ALA A 139 21.43 1.55 -29.75
C ALA A 139 22.32 2.76 -29.44
N VAL A 140 21.69 3.91 -29.15
N VAL A 140 21.69 3.90 -29.16
CA VAL A 140 22.39 5.14 -28.78
CA VAL A 140 22.40 5.11 -28.73
C VAL A 140 21.66 5.67 -27.56
C VAL A 140 21.66 5.67 -27.56
N ILE A 141 22.34 5.76 -26.43
CA ILE A 141 21.71 6.01 -25.14
C ILE A 141 22.50 7.07 -24.40
N ASN A 142 21.81 8.04 -23.78
CA ASN A 142 22.48 8.98 -22.91
C ASN A 142 23.20 8.21 -21.78
N GLU A 143 24.43 8.61 -21.47
CA GLU A 143 25.26 7.88 -20.53
C GLU A 143 24.62 7.67 -19.16
N ASN A 144 23.73 8.58 -18.75
CA ASN A 144 23.11 8.47 -17.44
C ASN A 144 22.14 7.31 -17.32
N PHE A 145 21.79 6.70 -18.44
CA PHE A 145 20.85 5.58 -18.46
C PHE A 145 21.50 4.26 -18.89
N VAL A 146 22.82 4.21 -18.79
CA VAL A 146 23.60 3.01 -19.10
C VAL A 146 24.33 2.57 -17.83
N ILE A 147 24.47 1.24 -17.63
CA ILE A 147 25.34 0.75 -16.56
C ILE A 147 26.48 -0.05 -17.14
N ARG A 148 27.60 -0.07 -16.41
N ARG A 148 27.59 -0.06 -16.41
CA ARG A 148 28.68 -1.00 -16.72
CA ARG A 148 28.68 -0.98 -16.73
C ARG A 148 28.26 -2.40 -16.28
C ARG A 148 28.28 -2.39 -16.28
N TRP A 149 28.46 -3.37 -17.16
CA TRP A 149 28.05 -4.74 -16.88
C TRP A 149 29.12 -5.46 -16.04
N PRO A 150 28.75 -6.04 -14.88
CA PRO A 150 29.73 -6.76 -14.08
C PRO A 150 30.34 -7.97 -14.83
N GLU A 151 31.65 -8.15 -14.75
N GLU A 151 31.64 -8.15 -14.73
CA GLU A 151 32.31 -9.26 -15.47
CA GLU A 151 32.31 -9.24 -15.44
C GLU A 151 31.81 -10.63 -15.01
C GLU A 151 31.81 -10.63 -15.00
N ASN A 152 31.40 -10.74 -13.75
CA ASN A 152 30.98 -12.01 -13.18
C ASN A 152 29.49 -12.31 -13.33
N LEU A 153 28.79 -11.55 -14.17
CA LEU A 153 27.45 -11.88 -14.58
C LEU A 153 27.43 -12.23 -16.05
N PRO A 154 26.98 -13.44 -16.41
CA PRO A 154 26.90 -13.79 -17.81
C PRO A 154 25.99 -12.81 -18.56
N LEU A 155 26.35 -12.50 -19.79
CA LEU A 155 25.55 -11.58 -20.59
C LEU A 155 24.19 -12.17 -20.94
N ASP A 156 24.16 -13.44 -21.31
CA ASP A 156 22.93 -14.04 -21.80
C ASP A 156 21.93 -14.31 -20.69
N SER A 157 22.35 -14.93 -19.62
CA SER A 157 21.45 -15.22 -18.52
C SER A 157 21.27 -14.01 -17.61
N GLY A 158 22.14 -13.02 -17.72
CA GLY A 158 22.03 -11.84 -16.90
C GLY A 158 21.14 -10.76 -17.45
N VAL A 159 20.97 -10.67 -18.77
CA VAL A 159 20.24 -9.54 -19.35
C VAL A 159 18.83 -9.38 -18.77
N PRO A 160 18.07 -10.46 -18.44
CA PRO A 160 16.75 -10.21 -17.87
C PRO A 160 16.77 -9.53 -16.51
N LEU A 161 17.92 -9.43 -15.85
CA LEU A 161 17.99 -8.64 -14.64
C LEU A 161 17.57 -7.21 -14.88
N LEU A 162 17.76 -6.72 -16.10
CA LEU A 162 17.43 -5.34 -16.45
C LEU A 162 15.93 -5.11 -16.63
N CYS A 163 15.13 -6.15 -16.54
CA CYS A 163 13.66 -6.09 -16.62
C CYS A 163 13.11 -6.74 -15.35
N ALA A 164 13.20 -8.05 -15.25
CA ALA A 164 12.70 -8.75 -14.07
C ALA A 164 13.47 -8.37 -12.79
N GLY A 165 14.78 -8.29 -12.87
CA GLY A 165 15.56 -8.05 -11.68
C GLY A 165 15.24 -6.71 -11.04
N ILE A 166 15.29 -5.64 -11.84
CA ILE A 166 14.99 -4.32 -11.27
C ILE A 166 13.54 -4.23 -10.83
N THR A 167 12.63 -4.77 -11.60
CA THR A 167 11.21 -4.64 -11.26
C THR A 167 10.90 -5.28 -9.92
N ALA A 168 11.55 -6.40 -9.60
CA ALA A 168 11.42 -7.00 -8.26
C ALA A 168 12.22 -6.26 -7.20
N TYR A 169 13.46 -5.94 -7.50
CA TYR A 169 14.37 -5.40 -6.50
C TYR A 169 13.88 -4.05 -5.97
N SER A 170 13.47 -3.17 -6.86
CA SER A 170 13.09 -1.83 -6.44
C SER A 170 12.02 -1.82 -5.31
N PRO A 171 10.86 -2.47 -5.51
CA PRO A 171 9.88 -2.49 -4.43
C PRO A 171 10.29 -3.37 -3.26
N MET A 172 11.08 -4.41 -3.47
CA MET A 172 11.54 -5.19 -2.34
C MET A 172 12.36 -4.34 -1.36
N LYS A 173 13.20 -3.47 -1.92
CA LYS A 173 13.95 -2.55 -1.06
C LYS A 173 13.04 -1.45 -0.50
N ARG A 174 12.20 -0.86 -1.36
CA ARG A 174 11.38 0.29 -0.92
C ARG A 174 10.44 -0.09 0.20
N TYR A 175 9.85 -1.29 0.12
CA TYR A 175 8.83 -1.71 1.08
C TYR A 175 9.34 -2.73 2.08
N GLY A 176 10.66 -2.88 2.18
CA GLY A 176 11.23 -3.65 3.28
C GLY A 176 11.00 -5.15 3.19
N LEU A 177 10.88 -5.67 1.98
CA LEU A 177 10.75 -7.11 1.73
C LEU A 177 12.11 -7.67 1.33
N ASP A 178 13.09 -7.33 2.14
CA ASP A 178 14.50 -7.61 1.85
C ASP A 178 15.31 -8.00 3.08
N LYS A 179 14.61 -8.59 4.04
CA LYS A 179 15.14 -8.88 5.35
C LYS A 179 15.25 -10.39 5.56
N PRO A 180 16.32 -10.84 6.22
CA PRO A 180 16.44 -12.28 6.47
C PRO A 180 15.39 -12.81 7.42
N GLY A 181 14.92 -14.02 7.14
CA GLY A 181 14.01 -14.72 8.00
C GLY A 181 12.56 -14.44 7.77
N LYS A 182 12.29 -13.45 6.91
N LYS A 182 12.27 -13.47 6.91
CA LYS A 182 10.92 -13.11 6.57
CA LYS A 182 10.89 -13.17 6.62
C LYS A 182 10.36 -14.10 5.59
C LYS A 182 10.35 -14.10 5.60
N ARG A 183 9.04 -14.13 5.53
CA ARG A 183 8.32 -15.07 4.71
C ARG A 183 7.70 -14.31 3.55
N ILE A 184 8.16 -14.62 2.35
CA ILE A 184 7.76 -13.89 1.14
CA ILE A 184 7.76 -13.90 1.15
C ILE A 184 7.08 -14.83 0.18
N GLY A 185 5.90 -14.43 -0.30
CA GLY A 185 5.22 -15.16 -1.34
C GLY A 185 5.54 -14.61 -2.71
N ILE A 186 5.60 -15.51 -3.70
CA ILE A 186 5.77 -15.14 -5.09
C ILE A 186 4.53 -15.72 -5.79
N ALA A 187 3.68 -14.85 -6.33
CA ALA A 187 2.48 -15.31 -7.06
C ALA A 187 2.77 -15.26 -8.53
N GLY A 188 2.76 -16.44 -9.15
CA GLY A 188 3.05 -16.65 -10.56
C GLY A 188 4.54 -16.91 -10.73
N LEU A 189 4.89 -18.19 -10.95
CA LEU A 189 6.30 -18.57 -11.11
C LEU A 189 6.65 -18.52 -12.58
N GLY A 190 6.75 -17.32 -13.10
CA GLY A 190 7.06 -17.09 -14.51
C GLY A 190 8.32 -16.29 -14.66
N GLY A 191 8.34 -15.49 -15.71
CA GLY A 191 9.56 -14.76 -16.06
C GLY A 191 9.99 -13.84 -14.92
N LEU A 192 9.08 -12.98 -14.50
N LEU A 192 9.07 -12.95 -14.49
CA LEU A 192 9.36 -12.10 -13.41
CA LEU A 192 9.36 -12.06 -13.34
C LEU A 192 9.47 -12.83 -12.05
C LEU A 192 9.50 -12.85 -12.05
N GLY A 193 8.55 -13.76 -11.83
CA GLY A 193 8.48 -14.45 -10.56
C GLY A 193 9.72 -15.26 -10.22
N HIS A 194 10.31 -15.95 -11.21
CA HIS A 194 11.45 -16.79 -10.86
C HIS A 194 12.66 -15.95 -10.42
N VAL A 195 12.79 -14.74 -11.02
CA VAL A 195 13.84 -13.82 -10.63
C VAL A 195 13.54 -13.22 -9.25
N ALA A 196 12.28 -12.79 -9.03
CA ALA A 196 11.93 -12.28 -7.72
C ALA A 196 12.21 -13.31 -6.63
N LEU A 197 11.91 -14.58 -6.93
CA LEU A 197 12.17 -15.66 -5.99
C LEU A 197 13.66 -15.70 -5.63
N ARG A 198 14.51 -15.64 -6.65
CA ARG A 198 15.95 -15.69 -6.41
C ARG A 198 16.45 -14.52 -5.58
N PHE A 199 15.90 -13.33 -5.80
CA PHE A 199 16.24 -12.20 -4.93
C PHE A 199 15.78 -12.43 -3.50
N ALA A 200 14.54 -12.90 -3.33
CA ALA A 200 14.05 -13.18 -1.97
C ALA A 200 14.96 -14.17 -1.24
N LYS A 201 15.35 -15.23 -1.93
CA LYS A 201 16.24 -16.22 -1.32
C LYS A 201 17.57 -15.58 -0.93
N ALA A 202 18.13 -14.74 -1.80
CA ALA A 202 19.40 -14.07 -1.52
C ALA A 202 19.31 -13.10 -0.35
N PHE A 203 18.16 -12.47 -0.16
CA PHE A 203 17.92 -11.64 1.02
C PHE A 203 17.77 -12.44 2.31
N GLY A 204 17.64 -13.76 2.19
CA GLY A 204 17.48 -14.62 3.34
C GLY A 204 16.06 -14.97 3.71
N ALA A 205 15.11 -14.72 2.80
CA ALA A 205 13.72 -15.03 3.06
C ALA A 205 13.42 -16.49 2.88
N LYS A 206 12.35 -16.92 3.53
CA LYS A 206 11.67 -18.18 3.29
C LYS A 206 10.59 -17.93 2.25
N VAL A 207 10.58 -18.67 1.15
CA VAL A 207 9.71 -18.38 0.02
C VAL A 207 8.57 -19.36 -0.10
N THR A 208 7.37 -18.82 -0.28
CA THR A 208 6.20 -19.60 -0.65
C THR A 208 5.85 -19.23 -2.09
N VAL A 209 5.75 -20.23 -2.97
CA VAL A 209 5.27 -19.98 -4.32
C VAL A 209 3.75 -20.20 -4.34
N ILE A 210 3.03 -19.26 -4.96
CA ILE A 210 1.59 -19.36 -5.20
C ILE A 210 1.44 -19.49 -6.69
N SER A 211 0.87 -20.59 -7.16
CA SER A 211 0.82 -20.91 -8.58
C SER A 211 -0.56 -21.38 -8.99
N SER A 212 -0.81 -21.40 -10.29
CA SER A 212 -2.14 -21.70 -10.81
C SER A 212 -2.45 -23.19 -10.92
N SER A 213 -1.46 -24.04 -10.66
CA SER A 213 -1.67 -25.48 -10.73
C SER A 213 -0.48 -26.15 -10.05
N LEU A 214 -0.49 -27.48 -10.03
CA LEU A 214 0.66 -28.27 -9.55
C LEU A 214 1.78 -28.38 -10.55
N LYS A 215 1.63 -27.85 -11.76
CA LYS A 215 2.55 -28.17 -12.81
C LYS A 215 3.99 -27.77 -12.49
N LYS A 216 4.19 -26.67 -11.80
CA LYS A 216 5.55 -26.17 -11.48
C LYS A 216 6.05 -26.54 -10.11
N LYS A 217 5.36 -27.44 -9.40
N LYS A 217 5.35 -27.44 -9.41
CA LYS A 217 5.72 -27.76 -8.02
CA LYS A 217 5.71 -27.76 -8.03
C LYS A 217 7.16 -28.30 -7.91
C LYS A 217 7.15 -28.30 -7.90
N ARG A 218 7.49 -29.28 -8.74
CA ARG A 218 8.83 -29.86 -8.66
C ARG A 218 9.89 -28.82 -8.95
N GLU A 219 9.69 -28.00 -9.98
CA GLU A 219 10.63 -26.93 -10.28
C GLU A 219 10.78 -25.99 -9.09
N ALA A 220 9.66 -25.58 -8.50
CA ALA A 220 9.72 -24.66 -7.37
C ALA A 220 10.63 -25.18 -6.27
N PHE A 221 10.51 -26.47 -5.94
CA PHE A 221 11.32 -27.04 -4.89
C PHE A 221 12.73 -27.35 -5.32
N GLU A 222 12.87 -28.10 -6.41
CA GLU A 222 14.17 -28.65 -6.79
C GLU A 222 15.07 -27.61 -7.46
N LYS A 223 14.50 -26.74 -8.29
CA LYS A 223 15.30 -25.74 -8.98
C LYS A 223 15.45 -24.47 -8.16
N PHE A 224 14.40 -24.09 -7.42
CA PHE A 224 14.38 -22.79 -6.76
C PHE A 224 14.48 -22.80 -5.26
N GLY A 225 14.33 -23.96 -4.61
CA GLY A 225 14.44 -23.98 -3.16
C GLY A 225 13.30 -23.29 -2.43
N ALA A 226 12.10 -23.34 -2.99
CA ALA A 226 10.93 -22.85 -2.26
C ALA A 226 10.71 -23.64 -0.99
N ASP A 227 10.22 -22.94 0.02
N ASP A 227 10.22 -22.95 0.04
CA ASP A 227 9.90 -23.54 1.28
CA ASP A 227 9.85 -23.61 1.30
C ASP A 227 8.49 -24.18 1.28
C ASP A 227 8.48 -24.22 1.26
N SER A 228 7.58 -23.64 0.46
CA SER A 228 6.25 -24.23 0.29
C SER A 228 5.69 -23.80 -1.04
N PHE A 229 4.67 -24.49 -1.49
CA PHE A 229 4.05 -24.28 -2.79
C PHE A 229 2.56 -24.45 -2.62
N LEU A 230 1.81 -23.41 -2.98
CA LEU A 230 0.35 -23.38 -2.83
C LEU A 230 -0.29 -23.24 -4.19
N VAL A 231 -1.29 -24.06 -4.46
CA VAL A 231 -2.11 -23.91 -5.67
C VAL A 231 -3.26 -22.95 -5.33
N SER A 232 -3.33 -21.84 -6.06
CA SER A 232 -4.26 -20.79 -5.73
C SER A 232 -5.70 -21.24 -5.78
N SER A 233 -6.01 -22.20 -6.67
CA SER A 233 -7.37 -22.70 -6.83
C SER A 233 -7.71 -23.83 -5.88
N ASN A 234 -6.82 -24.15 -4.94
CA ASN A 234 -7.08 -25.18 -3.92
C ASN A 234 -7.39 -24.48 -2.59
N PRO A 235 -8.67 -24.40 -2.24
CA PRO A 235 -9.03 -23.64 -1.07
C PRO A 235 -8.42 -24.12 0.24
N GLU A 236 -8.29 -25.43 0.41
CA GLU A 236 -7.67 -25.98 1.63
C GLU A 236 -6.21 -25.58 1.77
N GLU A 237 -5.46 -25.64 0.69
CA GLU A 237 -4.05 -25.27 0.70
C GLU A 237 -3.91 -23.78 1.04
N MET A 238 -4.73 -22.95 0.39
CA MET A 238 -4.65 -21.49 0.63
C MET A 238 -5.06 -21.16 2.07
N GLN A 239 -6.13 -21.79 2.55
CA GLN A 239 -6.57 -21.53 3.91
C GLN A 239 -5.54 -21.95 4.95
N GLY A 240 -4.78 -23.02 4.66
CA GLY A 240 -3.77 -23.48 5.61
C GLY A 240 -2.61 -22.52 5.81
N ALA A 241 -2.43 -21.59 4.87
CA ALA A 241 -1.38 -20.61 4.90
C ALA A 241 -1.88 -19.19 5.26
N ALA A 242 -3.12 -19.08 5.73
CA ALA A 242 -3.65 -17.77 6.10
C ALA A 242 -2.77 -17.04 7.10
N GLY A 243 -2.52 -15.76 6.87
CA GLY A 243 -1.86 -14.95 7.86
C GLY A 243 -0.42 -15.30 8.14
N THR A 244 0.27 -15.88 7.17
CA THR A 244 1.64 -16.34 7.38
C THR A 244 2.73 -15.52 6.70
N LEU A 245 2.41 -14.65 5.73
CA LEU A 245 3.43 -14.03 4.90
C LEU A 245 3.64 -12.58 5.26
N ASP A 246 4.91 -12.17 5.32
CA ASP A 246 5.27 -10.78 5.49
C ASP A 246 4.99 -9.92 4.25
N GLY A 247 5.13 -10.53 3.09
CA GLY A 247 4.86 -9.85 1.85
C GLY A 247 4.69 -10.81 0.72
N ILE A 248 4.09 -10.31 -0.36
CA ILE A 248 3.85 -11.08 -1.57
C ILE A 248 4.21 -10.23 -2.76
N ILE A 249 4.94 -10.83 -3.72
CA ILE A 249 5.19 -10.23 -5.02
C ILE A 249 4.23 -10.88 -6.01
N ASP A 250 3.26 -10.10 -6.50
CA ASP A 250 2.24 -10.58 -7.40
C ASP A 250 2.61 -10.24 -8.83
N THR A 251 3.00 -11.26 -9.60
CA THR A 251 3.42 -11.08 -10.99
C THR A 251 2.35 -11.42 -11.99
N ILE A 252 1.16 -11.78 -11.53
CA ILE A 252 0.20 -12.39 -12.44
C ILE A 252 -0.33 -11.37 -13.45
N PRO A 253 -0.30 -11.73 -14.74
CA PRO A 253 -0.71 -10.79 -15.77
C PRO A 253 -2.17 -10.87 -16.15
N GLY A 254 -2.83 -11.97 -15.81
CA GLY A 254 -4.21 -12.21 -16.14
C GLY A 254 -5.17 -11.87 -15.01
N ASN A 255 -6.46 -11.89 -15.32
CA ASN A 255 -7.46 -11.53 -14.34
C ASN A 255 -7.38 -12.43 -13.13
N HIS A 256 -7.36 -11.81 -11.95
CA HIS A 256 -7.32 -12.56 -10.71
C HIS A 256 -7.80 -11.67 -9.57
N SER A 257 -8.29 -12.31 -8.52
CA SER A 257 -8.62 -11.60 -7.32
C SER A 257 -7.42 -11.47 -6.41
N LEU A 258 -7.32 -10.32 -5.75
CA LEU A 258 -6.32 -10.09 -4.73
C LEU A 258 -6.74 -10.64 -3.38
N GLU A 259 -8.03 -10.93 -3.17
CA GLU A 259 -8.47 -11.33 -1.85
C GLU A 259 -7.71 -12.52 -1.27
N PRO A 260 -7.44 -13.56 -2.06
CA PRO A 260 -6.71 -14.71 -1.49
C PRO A 260 -5.28 -14.36 -1.14
N LEU A 261 -4.68 -13.45 -1.89
CA LEU A 261 -3.32 -13.01 -1.57
C LEU A 261 -3.29 -12.20 -0.30
N LEU A 262 -4.24 -11.26 -0.16
CA LEU A 262 -4.34 -10.49 1.07
C LEU A 262 -4.51 -11.41 2.27
N ALA A 263 -5.31 -12.46 2.10
CA ALA A 263 -5.57 -13.38 3.22
C ALA A 263 -4.31 -14.12 3.68
N LEU A 264 -3.36 -14.33 2.77
CA LEU A 264 -2.10 -14.98 3.15
C LEU A 264 -1.20 -14.08 3.96
N LEU A 265 -1.38 -12.76 3.89
CA LEU A 265 -0.54 -11.83 4.62
C LEU A 265 -0.83 -11.82 6.11
N LYS A 266 0.25 -11.72 6.88
CA LYS A 266 0.16 -11.28 8.27
C LYS A 266 -0.39 -9.87 8.37
N PRO A 267 -0.89 -9.49 9.56
CA PRO A 267 -1.20 -8.07 9.76
C PRO A 267 0.03 -7.21 9.43
N LEU A 268 -0.24 -6.05 8.84
CA LEU A 268 0.77 -5.08 8.39
C LEU A 268 1.55 -5.57 7.18
N GLY A 269 1.23 -6.74 6.65
CA GLY A 269 1.92 -7.27 5.48
C GLY A 269 1.63 -6.50 4.24
N LYS A 270 2.49 -6.74 3.22
CA LYS A 270 2.48 -5.93 2.01
C LYS A 270 2.36 -6.78 0.76
N LEU A 271 1.38 -6.43 -0.07
CA LEU A 271 1.17 -7.04 -1.38
C LEU A 271 1.69 -6.08 -2.41
N ILE A 272 2.68 -6.53 -3.21
CA ILE A 272 3.27 -5.75 -4.27
C ILE A 272 2.71 -6.25 -5.59
N ILE A 273 2.03 -5.34 -6.31
CA ILE A 273 1.39 -5.68 -7.58
C ILE A 273 2.26 -5.22 -8.71
N LEU A 274 2.74 -6.18 -9.50
N LEU A 274 2.68 -6.18 -9.54
CA LEU A 274 3.65 -5.89 -10.60
CA LEU A 274 3.50 -5.90 -10.72
C LEU A 274 3.01 -6.24 -11.87
C LEU A 274 2.77 -6.02 -12.11
N GLY A 275 2.22 -7.30 -11.84
N GLY A 275 1.66 -6.74 -12.28
CA GLY A 275 1.60 -7.69 -13.07
CA GLY A 275 0.89 -6.84 -13.56
C GLY A 275 0.42 -6.81 -13.41
C GLY A 275 -0.36 -5.98 -13.73
N ALA A 276 0.01 -6.82 -14.67
N ALA A 276 -0.91 -5.91 -14.94
CA ALA A 276 -0.99 -5.88 -15.18
CA ALA A 276 -2.06 -5.05 -15.23
C ALA A 276 -2.21 -6.51 -15.90
C ALA A 276 -3.16 -5.85 -15.93
N PRO A 277 -3.29 -6.93 -15.17
N PRO A 277 -3.77 -6.74 -15.18
CA PRO A 277 -4.56 -7.41 -15.80
CA PRO A 277 -4.74 -7.61 -15.81
C PRO A 277 -5.57 -6.32 -16.35
C PRO A 277 -5.77 -6.76 -16.46
N GLU A 278 -6.42 -6.83 -17.25
N GLU A 278 -6.50 -7.29 -17.42
CA GLU A 278 -7.46 -6.06 -17.94
CA GLU A 278 -7.57 -6.45 -18.00
C GLU A 278 -8.65 -5.79 -17.04
C GLU A 278 -8.71 -6.04 -17.04
N MET A 279 -9.03 -6.81 -16.28
N MET A 279 -9.17 -6.98 -16.23
CA MET A 279 -10.16 -6.63 -15.40
CA MET A 279 -10.31 -6.72 -15.33
C MET A 279 -9.72 -5.93 -14.12
C MET A 279 -9.77 -5.95 -14.12
N PRO A 280 -10.48 -4.91 -13.67
CA PRO A 280 -10.07 -4.23 -12.43
C PRO A 280 -10.18 -5.17 -11.23
N PHE A 281 -9.36 -4.91 -10.22
CA PHE A 281 -9.43 -5.64 -8.99
C PHE A 281 -10.61 -5.18 -8.16
N GLU A 282 -11.37 -6.12 -7.61
CA GLU A 282 -12.40 -5.82 -6.63
C GLU A 282 -11.81 -6.09 -5.26
N VAL A 283 -11.77 -5.06 -4.42
CA VAL A 283 -11.11 -5.13 -3.12
C VAL A 283 -12.11 -4.71 -2.05
N PRO A 284 -12.66 -5.69 -1.30
CA PRO A 284 -13.52 -5.31 -0.17
C PRO A 284 -12.72 -4.58 0.87
N ALA A 285 -13.26 -3.53 1.46
CA ALA A 285 -12.54 -2.82 2.48
C ALA A 285 -12.01 -3.73 3.58
N PRO A 286 -12.80 -4.70 4.07
CA PRO A 286 -12.25 -5.55 5.13
C PRO A 286 -11.01 -6.35 4.76
N SER A 287 -10.82 -6.64 3.48
N SER A 287 -10.81 -6.64 3.47
CA SER A 287 -9.64 -7.39 3.08
CA SER A 287 -9.61 -7.38 3.07
C SER A 287 -8.35 -6.63 3.34
C SER A 287 -8.34 -6.63 3.35
N LEU A 288 -8.42 -5.30 3.39
CA LEU A 288 -7.29 -4.47 3.81
C LEU A 288 -7.37 -4.05 5.28
N LEU A 289 -8.57 -3.68 5.74
CA LEU A 289 -8.72 -3.17 7.10
C LEU A 289 -8.38 -4.21 8.14
N MET A 290 -8.82 -5.46 7.93
N MET A 290 -8.82 -5.46 7.92
N MET A 290 -8.82 -5.46 7.93
N MET A 290 -8.83 -5.47 7.93
CA MET A 290 -8.57 -6.51 8.90
CA MET A 290 -8.57 -6.53 8.89
CA MET A 290 -8.56 -6.52 8.90
CA MET A 290 -8.57 -6.54 8.90
C MET A 290 -7.09 -6.89 8.83
C MET A 290 -7.09 -6.89 8.83
C MET A 290 -7.09 -6.90 8.83
C MET A 290 -7.09 -6.89 8.83
N GLY A 291 -6.34 -6.43 9.82
CA GLY A 291 -4.91 -6.58 9.81
C GLY A 291 -4.16 -5.41 9.25
N GLY A 292 -4.80 -4.32 8.83
CA GLY A 292 -4.06 -3.16 8.39
C GLY A 292 -3.03 -3.44 7.29
N LYS A 293 -3.51 -4.08 6.23
CA LYS A 293 -2.63 -4.53 5.14
C LYS A 293 -2.42 -3.44 4.10
N VAL A 294 -1.38 -3.66 3.29
CA VAL A 294 -0.90 -2.72 2.29
C VAL A 294 -0.92 -3.35 0.93
N MET A 295 -1.37 -2.62 -0.08
N MET A 295 -1.38 -2.60 -0.08
CA MET A 295 -1.21 -3.04 -1.47
CA MET A 295 -1.23 -2.94 -1.50
C MET A 295 -0.50 -1.90 -2.21
C MET A 295 -0.44 -1.84 -2.14
N ALA A 296 0.66 -2.18 -2.79
CA ALA A 296 1.46 -1.18 -3.51
C ALA A 296 1.73 -1.71 -4.88
N ALA A 297 1.60 -0.88 -5.90
CA ALA A 297 2.09 -1.28 -7.20
C ALA A 297 3.47 -0.67 -7.40
N SER A 298 4.15 -1.14 -8.43
CA SER A 298 5.50 -0.64 -8.72
C SER A 298 5.80 -0.86 -10.18
N THR A 299 6.58 0.05 -10.76
CA THR A 299 7.05 -0.13 -12.12
C THR A 299 8.56 0.11 -12.20
N ALA A 300 9.24 -0.80 -12.90
CA ALA A 300 10.64 -0.66 -13.21
C ALA A 300 11.44 -0.28 -11.97
N GLY A 301 12.43 0.59 -12.13
CA GLY A 301 13.23 1.08 -11.04
C GLY A 301 14.14 2.17 -11.54
N SER A 302 14.82 2.84 -10.63
CA SER A 302 15.66 3.97 -10.99
C SER A 302 17.07 3.51 -11.38
N MET A 303 17.83 4.41 -11.96
CA MET A 303 19.22 4.08 -12.28
C MET A 303 20.06 3.76 -11.05
N LYS A 304 19.85 4.49 -9.95
N LYS A 304 19.85 4.49 -9.95
CA LYS A 304 20.55 4.18 -8.71
CA LYS A 304 20.54 4.19 -8.71
C LYS A 304 20.20 2.77 -8.24
C LYS A 304 20.20 2.77 -8.24
N GLU A 305 18.92 2.43 -8.32
CA GLU A 305 18.46 1.11 -7.92
C GLU A 305 19.01 0.01 -8.85
N ILE A 306 19.08 0.28 -10.15
CA ILE A 306 19.61 -0.70 -11.08
C ILE A 306 21.07 -0.99 -10.74
N GLN A 307 21.84 0.05 -10.45
CA GLN A 307 23.27 -0.16 -10.10
C GLN A 307 23.39 -1.02 -8.83
N GLU A 308 22.58 -0.71 -7.82
N GLU A 308 22.57 -0.71 -7.81
CA GLU A 308 22.62 -1.49 -6.60
CA GLU A 308 22.60 -1.50 -6.58
C GLU A 308 22.16 -2.93 -6.84
C GLU A 308 22.18 -2.93 -6.85
N MET A 309 21.11 -3.08 -7.64
N MET A 309 21.13 -3.07 -7.64
CA MET A 309 20.59 -4.40 -8.01
CA MET A 309 20.61 -4.38 -7.99
C MET A 309 21.65 -5.25 -8.71
C MET A 309 21.65 -5.25 -8.71
N ILE A 310 22.33 -4.66 -9.69
CA ILE A 310 23.27 -5.43 -10.50
C ILE A 310 24.48 -5.84 -9.65
N GLU A 311 24.89 -4.99 -8.70
CA GLU A 311 25.96 -5.35 -7.80
C GLU A 311 25.52 -6.48 -6.86
N PHE A 312 24.28 -6.43 -6.39
CA PHE A 312 23.74 -7.46 -5.54
C PHE A 312 23.64 -8.79 -6.29
N ALA A 313 23.16 -8.73 -7.52
CA ALA A 313 23.05 -9.93 -8.34
C ALA A 313 24.42 -10.54 -8.61
N ALA A 314 25.42 -9.69 -8.89
CA ALA A 314 26.77 -10.21 -9.14
C ALA A 314 27.30 -10.88 -7.88
N GLU A 315 27.11 -10.23 -6.73
CA GLU A 315 27.60 -10.78 -5.46
C GLU A 315 26.97 -12.14 -5.13
N HIS A 316 25.67 -12.26 -5.39
CA HIS A 316 24.90 -13.44 -5.01
C HIS A 316 24.70 -14.41 -6.16
N ASN A 317 25.33 -14.16 -7.30
N ASN A 317 25.33 -14.15 -7.29
CA ASN A 317 25.20 -15.02 -8.48
CA ASN A 317 25.20 -14.98 -8.49
C ASN A 317 23.75 -15.24 -8.88
C ASN A 317 23.75 -15.24 -8.87
N ILE A 318 22.98 -14.15 -8.91
CA ILE A 318 21.60 -14.18 -9.34
C ILE A 318 21.55 -13.92 -10.84
N VAL A 319 21.03 -14.92 -11.57
CA VAL A 319 20.77 -14.78 -12.99
C VAL A 319 19.37 -15.34 -13.26
N ALA A 320 18.89 -15.13 -14.47
CA ALA A 320 17.66 -15.77 -14.93
C ALA A 320 18.00 -17.13 -15.53
N ASP A 321 17.02 -18.01 -15.54
CA ASP A 321 17.04 -19.19 -16.38
C ASP A 321 16.54 -18.81 -17.75
N VAL A 322 17.36 -18.98 -18.77
CA VAL A 322 17.04 -18.45 -20.08
C VAL A 322 17.11 -19.53 -21.15
N GLU A 323 16.33 -19.29 -22.20
CA GLU A 323 16.38 -20.03 -23.43
C GLU A 323 16.88 -19.03 -24.46
N VAL A 324 18.10 -19.21 -24.95
CA VAL A 324 18.71 -18.31 -25.91
C VAL A 324 18.19 -18.69 -27.29
N ILE A 325 17.64 -17.70 -28.00
CA ILE A 325 17.00 -17.93 -29.28
C ILE A 325 17.60 -17.01 -30.34
N SER A 326 17.33 -17.38 -31.56
CA SER A 326 17.77 -16.60 -32.69
C SER A 326 16.70 -15.56 -33.03
N ILE A 327 17.10 -14.55 -33.78
CA ILE A 327 16.18 -13.62 -34.39
C ILE A 327 15.09 -14.33 -35.17
N ASP A 328 15.46 -15.40 -35.88
CA ASP A 328 14.53 -16.16 -36.71
C ASP A 328 13.46 -16.92 -35.96
N TYR A 329 13.66 -17.09 -34.65
CA TYR A 329 12.71 -17.80 -33.77
C TYR A 329 11.77 -16.85 -33.02
N VAL A 330 11.93 -15.53 -33.14
CA VAL A 330 11.17 -14.60 -32.29
C VAL A 330 9.65 -14.78 -32.37
N ASN A 331 9.09 -14.98 -33.55
CA ASN A 331 7.63 -15.12 -33.60
C ASN A 331 7.14 -16.40 -32.93
N THR A 332 7.92 -17.46 -33.03
CA THR A 332 7.60 -18.71 -32.37
C THR A 332 7.65 -18.51 -30.84
N ALA A 333 8.69 -17.81 -30.39
CA ALA A 333 8.79 -17.50 -28.95
C ALA A 333 7.60 -16.68 -28.46
N MET A 334 7.21 -15.70 -29.25
CA MET A 334 6.07 -14.86 -28.87
C MET A 334 4.79 -15.70 -28.68
N GLU A 335 4.56 -16.65 -29.58
CA GLU A 335 3.44 -17.56 -29.42
C GLU A 335 3.55 -18.40 -28.14
N ARG A 336 4.76 -18.86 -27.85
CA ARG A 336 4.99 -19.63 -26.64
C ARG A 336 4.73 -18.79 -25.39
N LEU A 337 4.97 -17.48 -25.45
CA LEU A 337 4.63 -16.59 -24.32
C LEU A 337 3.15 -16.56 -23.96
N ASP A 338 2.27 -16.84 -24.91
CA ASP A 338 0.82 -16.85 -24.58
C ASP A 338 0.46 -17.84 -23.50
N ASN A 339 1.23 -18.91 -23.36
CA ASN A 339 1.04 -19.85 -22.26
C ASN A 339 2.25 -19.95 -21.34
N SER A 340 3.05 -18.89 -21.33
N SER A 340 3.05 -18.87 -21.26
CA SER A 340 4.23 -18.85 -20.52
CA SER A 340 4.34 -18.83 -20.52
C SER A 340 5.08 -20.13 -20.68
C SER A 340 5.12 -20.13 -20.69
N ASP A 341 5.20 -20.59 -21.94
CA ASP A 341 5.80 -21.89 -22.23
C ASP A 341 7.32 -21.75 -22.44
N VAL A 342 8.04 -21.43 -21.37
CA VAL A 342 9.48 -21.22 -21.38
C VAL A 342 9.97 -21.34 -19.95
N ARG A 343 11.23 -21.76 -19.76
CA ARG A 343 11.84 -21.96 -18.42
CA ARG A 343 11.80 -21.95 -18.44
C ARG A 343 13.11 -21.14 -18.37
N TYR A 344 13.02 -19.83 -18.11
CA TYR A 344 11.85 -19.01 -17.80
C TYR A 344 11.78 -17.70 -18.58
N ARG A 345 12.83 -17.37 -19.35
N ARG A 345 12.83 -17.34 -19.33
CA ARG A 345 12.87 -16.17 -20.18
CA ARG A 345 12.82 -16.12 -20.14
C ARG A 345 13.52 -16.51 -21.49
C ARG A 345 13.53 -16.45 -21.47
N PHE A 346 13.00 -15.92 -22.56
CA PHE A 346 13.69 -15.92 -23.85
C PHE A 346 14.67 -14.78 -23.93
N VAL A 347 15.86 -15.08 -24.46
CA VAL A 347 16.88 -14.07 -24.70
C VAL A 347 17.32 -14.21 -26.15
N ILE A 348 17.26 -13.11 -26.90
CA ILE A 348 17.62 -13.13 -28.29
C ILE A 348 19.10 -12.84 -28.45
N ASP A 349 19.80 -13.73 -29.15
CA ASP A 349 21.23 -13.57 -29.41
C ASP A 349 21.41 -12.67 -30.64
N ILE A 350 21.44 -11.38 -30.41
CA ILE A 350 21.55 -10.40 -31.49
C ILE A 350 22.92 -10.48 -32.14
N GLY A 351 23.97 -10.55 -31.33
CA GLY A 351 25.33 -10.50 -31.85
C GLY A 351 25.61 -11.62 -32.82
N ASN A 352 25.09 -12.81 -32.56
CA ASN A 352 25.39 -13.96 -33.41
C ASN A 352 24.31 -14.27 -34.42
N THR A 353 23.09 -13.74 -34.27
CA THR A 353 21.99 -14.16 -35.13
C THR A 353 21.26 -13.07 -35.88
N LEU A 354 21.44 -11.80 -35.54
CA LEU A 354 20.88 -10.75 -36.36
C LEU A 354 21.84 -10.59 -37.53
N LYS A 355 21.36 -10.87 -38.71
CA LYS A 355 22.24 -10.94 -39.86
C LYS A 355 22.75 -9.55 -40.25
N SER A 356 24.05 -9.44 -40.57
CA SER A 356 24.60 -8.16 -41.04
C SER A 356 24.06 -7.78 -42.41
N VAL B 13 -23.56 -12.04 34.35
CA VAL B 13 -23.09 -13.05 35.28
C VAL B 13 -22.13 -12.55 36.41
N TYR B 14 -21.92 -11.25 36.58
CA TYR B 14 -20.88 -10.73 37.46
C TYR B 14 -21.45 -9.86 38.56
N PRO B 15 -20.62 -9.53 39.56
CA PRO B 15 -21.17 -8.90 40.79
C PRO B 15 -21.47 -7.41 40.74
N VAL B 16 -20.82 -6.68 39.85
CA VAL B 16 -20.92 -5.20 39.91
C VAL B 16 -22.04 -4.77 38.98
N LYS B 17 -23.03 -4.08 39.54
CA LYS B 17 -24.16 -3.62 38.76
C LYS B 17 -23.72 -2.57 37.74
N ALA B 18 -24.17 -2.76 36.51
CA ALA B 18 -23.89 -1.80 35.43
C ALA B 18 -25.17 -1.49 34.69
N PHE B 19 -25.21 -0.31 34.10
CA PHE B 19 -26.36 0.11 33.33
C PHE B 19 -25.89 1.06 32.26
N GLY B 20 -26.57 1.00 31.12
CA GLY B 20 -26.22 1.83 30.00
C GLY B 20 -27.27 1.70 28.93
N LEU B 21 -26.83 1.77 27.67
CA LEU B 21 -27.74 1.64 26.51
C LEU B 21 -27.33 0.45 25.66
N ALA B 22 -28.32 -0.29 25.15
CA ALA B 22 -28.09 -1.39 24.26
C ALA B 22 -29.10 -1.43 23.14
N ALA B 23 -28.64 -1.93 21.98
CA ALA B 23 -29.51 -2.28 20.88
C ALA B 23 -29.82 -3.77 20.96
N LYS B 24 -31.10 -4.09 20.80
N LYS B 24 -31.11 -4.08 20.84
CA LYS B 24 -31.56 -5.47 20.85
CA LYS B 24 -31.64 -5.44 20.86
C LYS B 24 -31.43 -6.18 19.50
C LYS B 24 -31.52 -6.17 19.51
N ASP B 25 -31.45 -5.42 18.41
CA ASP B 25 -31.44 -6.01 17.06
C ASP B 25 -30.90 -5.01 16.05
N SER B 26 -30.81 -5.45 14.79
CA SER B 26 -30.17 -4.67 13.74
C SER B 26 -30.96 -3.44 13.30
N SER B 27 -32.13 -3.16 13.90
CA SER B 27 -32.66 -1.83 13.77
C SER B 27 -31.71 -0.76 14.31
N GLY B 28 -30.87 -1.14 15.25
CA GLY B 28 -30.01 -0.19 15.90
C GLY B 28 -30.68 0.70 16.93
N LEU B 29 -31.93 0.39 17.31
CA LEU B 29 -32.61 1.21 18.31
C LEU B 29 -32.03 0.93 19.69
N PHE B 30 -31.54 1.96 20.36
CA PHE B 30 -30.97 1.79 21.71
C PHE B 30 -32.05 1.96 22.76
N SER B 31 -31.91 1.22 23.85
N SER B 31 -31.91 1.23 23.86
CA SER B 31 -32.79 1.32 25.01
CA SER B 31 -32.80 1.34 25.00
C SER B 31 -31.98 1.14 26.29
C SER B 31 -32.01 1.13 26.28
N PRO B 32 -32.52 1.64 27.42
CA PRO B 32 -31.85 1.35 28.70
C PRO B 32 -31.65 -0.13 28.91
N PHE B 33 -30.50 -0.50 29.47
CA PHE B 33 -30.11 -1.89 29.58
C PHE B 33 -29.31 -2.05 30.88
N ASN B 34 -29.72 -3.03 31.68
CA ASN B 34 -29.00 -3.42 32.90
C ASN B 34 -28.14 -4.64 32.66
N PHE B 35 -26.92 -4.63 33.20
CA PHE B 35 -25.99 -5.72 33.02
C PHE B 35 -25.03 -5.70 34.19
N SER B 36 -23.86 -6.29 34.03
CA SER B 36 -22.92 -6.37 35.13
C SER B 36 -21.50 -6.36 34.64
N ARG B 37 -20.58 -6.04 35.55
CA ARG B 37 -19.15 -6.06 35.32
C ARG B 37 -18.49 -6.94 36.36
N ARG B 38 -17.38 -7.55 35.98
CA ARG B 38 -16.57 -8.29 36.95
C ARG B 38 -16.15 -7.41 38.11
N ALA B 39 -15.96 -8.05 39.25
CA ALA B 39 -15.25 -7.41 40.34
C ALA B 39 -13.87 -7.01 39.87
N THR B 40 -13.33 -5.98 40.51
CA THR B 40 -12.01 -5.47 40.15
C THR B 40 -10.94 -6.48 40.52
N GLY B 41 -10.32 -7.08 39.52
CA GLY B 41 -9.23 -8.03 39.73
C GLY B 41 -7.93 -7.36 40.07
N GLU B 42 -6.92 -8.18 40.34
CA GLU B 42 -5.65 -7.66 40.84
C GLU B 42 -5.00 -6.62 39.93
N HIS B 43 -5.18 -6.76 38.62
CA HIS B 43 -4.56 -5.88 37.64
C HIS B 43 -5.57 -4.95 36.95
N ASP B 44 -6.77 -4.82 37.53
CA ASP B 44 -7.83 -4.02 36.92
C ASP B 44 -7.92 -2.62 37.51
N VAL B 45 -8.49 -1.75 36.68
CA VAL B 45 -8.89 -0.41 37.02
C VAL B 45 -10.39 -0.32 36.83
N GLN B 46 -11.12 0.00 37.91
CA GLN B 46 -12.55 0.34 37.79
C GLN B 46 -12.66 1.85 37.67
N LEU B 47 -13.51 2.30 36.77
CA LEU B 47 -13.68 3.74 36.57
C LEU B 47 -15.15 4.07 36.42
N LYS B 48 -15.48 5.25 36.93
CA LYS B 48 -16.74 5.91 36.66
C LYS B 48 -16.59 6.60 35.31
N VAL B 49 -17.48 6.27 34.38
CA VAL B 49 -17.45 6.85 33.05
C VAL B 49 -17.98 8.29 33.14
N LEU B 50 -17.23 9.23 32.61
CA LEU B 50 -17.63 10.64 32.58
C LEU B 50 -18.17 11.05 31.23
N TYR B 51 -17.44 10.73 30.17
CA TYR B 51 -17.88 11.05 28.81
C TYR B 51 -17.63 9.83 27.94
N CYS B 52 -18.59 9.51 27.10
CA CYS B 52 -18.48 8.43 26.12
C CYS B 52 -18.63 9.02 24.75
N GLY B 53 -17.55 9.06 23.99
CA GLY B 53 -17.69 9.52 22.61
C GLY B 53 -18.48 8.52 21.83
N THR B 54 -19.18 8.99 20.78
CA THR B 54 -19.77 8.08 19.83
C THR B 54 -19.49 8.59 18.43
N CYS B 55 -19.81 7.74 17.46
CA CYS B 55 -19.33 7.98 16.12
C CYS B 55 -20.01 7.06 15.16
N GLN B 56 -19.67 7.25 13.90
CA GLN B 56 -20.27 6.48 12.82
C GLN B 56 -20.13 4.99 13.08
N TYR B 57 -19.00 4.54 13.62
CA TYR B 57 -18.82 3.13 13.89
C TYR B 57 -19.91 2.54 14.78
N ASP B 58 -20.34 3.30 15.81
CA ASP B 58 -21.44 2.82 16.62
C ASP B 58 -22.73 2.67 15.83
N ARG B 59 -23.03 3.62 14.95
CA ARG B 59 -24.23 3.53 14.13
C ARG B 59 -24.13 2.30 13.22
N GLU B 60 -22.98 2.15 12.57
CA GLU B 60 -22.76 1.04 11.67
C GLU B 60 -22.88 -0.29 12.40
N MET B 61 -22.20 -0.42 13.53
CA MET B 61 -22.26 -1.64 14.32
C MET B 61 -23.67 -1.94 14.82
N SER B 62 -24.37 -0.91 15.26
CA SER B 62 -25.71 -1.12 15.81
C SER B 62 -26.65 -1.73 14.79
N LYS B 63 -26.42 -1.40 13.51
CA LYS B 63 -27.21 -1.92 12.40
C LYS B 63 -26.58 -3.12 11.71
N ASN B 64 -25.54 -3.68 12.31
CA ASN B 64 -24.87 -4.86 11.79
C ASN B 64 -24.35 -4.65 10.37
N LYS B 65 -23.81 -3.47 10.08
CA LYS B 65 -23.33 -3.18 8.73
C LYS B 65 -22.30 -4.21 8.27
N PHE B 66 -21.44 -4.63 9.19
CA PHE B 66 -20.27 -5.47 8.85
C PHE B 66 -20.54 -6.96 9.03
N GLY B 67 -21.71 -7.31 9.59
CA GLY B 67 -22.11 -8.70 9.76
C GLY B 67 -21.61 -9.38 11.01
N PHE B 68 -20.85 -8.70 11.86
CA PHE B 68 -20.26 -9.32 13.05
C PHE B 68 -20.81 -8.82 14.39
N THR B 69 -21.90 -8.04 14.38
CA THR B 69 -22.48 -7.55 15.62
C THR B 69 -23.18 -8.68 16.39
N SER B 70 -22.93 -8.74 17.69
CA SER B 70 -23.62 -9.64 18.60
C SER B 70 -24.60 -8.81 19.43
N TYR B 71 -25.85 -9.25 19.49
CA TYR B 71 -26.89 -8.53 20.23
C TYR B 71 -27.21 -9.25 21.54
N PRO B 72 -27.47 -8.54 22.64
CA PRO B 72 -27.55 -7.07 22.69
C PRO B 72 -26.19 -6.40 22.56
N TYR B 73 -26.20 -5.25 21.88
CA TYR B 73 -25.00 -4.49 21.58
C TYR B 73 -24.99 -3.24 22.46
N VAL B 74 -24.05 -3.16 23.39
CA VAL B 74 -23.88 -1.98 24.24
C VAL B 74 -22.79 -1.18 23.62
N LEU B 75 -23.12 0.01 23.12
CA LEU B 75 -22.09 0.84 22.48
C LEU B 75 -21.17 1.42 23.48
N GLY B 76 -20.04 1.92 22.98
CA GLY B 76 -19.14 2.77 23.74
C GLY B 76 -17.71 2.25 23.72
N HIS B 77 -16.91 2.83 22.83
CA HIS B 77 -15.56 2.36 22.65
C HIS B 77 -14.52 3.44 22.78
N GLU B 78 -14.91 4.60 23.28
CA GLU B 78 -14.00 5.75 23.47
C GLU B 78 -14.54 6.46 24.72
N ILE B 79 -13.81 6.30 25.81
CA ILE B 79 -14.29 6.80 27.09
C ILE B 79 -13.20 7.50 27.85
N VAL B 80 -13.64 8.50 28.61
CA VAL B 80 -12.84 9.09 29.67
C VAL B 80 -13.63 8.97 30.96
N GLY B 81 -12.91 8.75 32.04
CA GLY B 81 -13.54 8.62 33.33
C GLY B 81 -12.57 8.85 34.46
N GLU B 82 -13.04 8.53 35.65
CA GLU B 82 -12.26 8.72 36.87
C GLU B 82 -12.17 7.41 37.63
N VAL B 83 -10.98 7.07 38.09
CA VAL B 83 -10.78 5.80 38.74
C VAL B 83 -11.51 5.76 40.08
N THR B 84 -12.26 4.68 40.29
CA THR B 84 -13.00 4.44 41.52
C THR B 84 -12.39 3.34 42.39
N GLU B 85 -11.67 2.39 41.79
CA GLU B 85 -11.02 1.32 42.54
CA GLU B 85 -11.04 1.27 42.51
C GLU B 85 -9.90 0.80 41.67
N VAL B 86 -8.82 0.34 42.28
CA VAL B 86 -7.80 -0.40 41.52
C VAL B 86 -7.52 -1.70 42.25
N GLY B 87 -7.10 -2.68 41.47
CA GLY B 87 -6.72 -3.96 42.06
C GLY B 87 -5.46 -3.84 42.89
N SER B 88 -5.23 -4.86 43.70
CA SER B 88 -4.13 -4.86 44.68
C SER B 88 -2.77 -4.81 44.04
N LYS B 89 -2.67 -5.19 42.77
CA LYS B 89 -1.38 -5.20 42.09
C LYS B 89 -1.17 -4.03 41.17
N VAL B 90 -2.13 -3.11 41.07
CA VAL B 90 -1.98 -1.94 40.23
C VAL B 90 -1.16 -0.87 40.97
N GLN B 91 -0.14 -0.35 40.32
CA GLN B 91 0.70 0.71 40.86
C GLN B 91 0.47 2.04 40.11
N LYS B 92 0.19 1.94 38.78
CA LYS B 92 0.25 3.14 37.91
CA LYS B 92 0.15 3.05 37.78
C LYS B 92 -0.96 4.08 38.05
N PHE B 93 -2.05 3.58 38.56
CA PHE B 93 -3.30 4.34 38.71
C PHE B 93 -3.74 4.33 40.13
N LYS B 94 -4.50 5.36 40.51
CA LYS B 94 -5.04 5.52 41.85
C LYS B 94 -6.41 6.14 41.76
N VAL B 95 -7.17 5.97 42.84
CA VAL B 95 -8.50 6.56 42.93
C VAL B 95 -8.44 8.06 42.58
N GLY B 96 -9.38 8.47 41.74
CA GLY B 96 -9.49 9.85 41.33
C GLY B 96 -8.75 10.22 40.07
N ASP B 97 -7.82 9.38 39.60
CA ASP B 97 -7.13 9.71 38.36
C ASP B 97 -8.12 9.79 37.22
N LYS B 98 -7.92 10.77 36.35
CA LYS B 98 -8.62 10.81 35.07
C LYS B 98 -7.92 9.89 34.09
N VAL B 99 -8.69 9.07 33.40
CA VAL B 99 -8.16 8.04 32.54
C VAL B 99 -8.97 7.97 31.27
N GLY B 100 -8.30 7.43 30.24
CA GLY B 100 -8.92 7.15 28.96
C GLY B 100 -8.81 5.70 28.58
N VAL B 101 -9.81 5.21 27.86
CA VAL B 101 -9.81 3.84 27.33
C VAL B 101 -10.30 3.92 25.89
N ALA B 102 -9.59 3.20 25.02
CA ALA B 102 -9.90 3.10 23.61
C ALA B 102 -10.55 1.78 23.30
N SER B 103 -10.52 1.35 22.04
CA SER B 103 -11.40 0.28 21.67
C SER B 103 -10.89 -1.13 21.96
N ILE B 104 -9.58 -1.33 22.08
N ILE B 104 -9.60 -1.31 22.17
CA ILE B 104 -9.00 -2.65 22.37
CA ILE B 104 -9.06 -2.62 22.41
C ILE B 104 -8.65 -2.70 23.85
C ILE B 104 -8.64 -2.70 23.87
N ILE B 105 -9.15 -3.72 24.54
N ILE B 105 -9.13 -3.73 24.55
CA ILE B 105 -8.92 -3.85 25.99
CA ILE B 105 -8.91 -3.86 25.99
C ILE B 105 -8.36 -5.20 26.43
C ILE B 105 -8.36 -5.21 26.43
N GLU B 106 -8.08 -6.09 25.47
CA GLU B 106 -7.47 -7.39 25.77
C GLU B 106 -6.86 -7.93 24.52
N THR B 107 -5.72 -8.58 24.64
CA THR B 107 -5.07 -9.26 23.54
C THR B 107 -4.40 -10.52 24.05
N CYS B 108 -3.82 -11.33 23.17
CA CYS B 108 -3.26 -12.60 23.63
C CYS B 108 -2.00 -12.42 24.47
N GLY B 109 -1.23 -11.37 24.20
CA GLY B 109 0.00 -11.04 24.92
C GLY B 109 1.26 -11.75 24.50
N LYS B 110 1.13 -12.72 23.60
CA LYS B 110 2.20 -13.68 23.30
C LYS B 110 2.63 -13.80 21.84
N CYS B 111 1.82 -13.28 20.94
CA CYS B 111 2.11 -13.35 19.54
C CYS B 111 3.08 -12.25 19.08
N GLU B 112 3.47 -12.35 17.79
CA GLU B 112 4.38 -11.39 17.20
C GLU B 112 3.86 -9.94 17.33
N MET B 113 2.59 -9.75 17.09
CA MET B 113 2.03 -8.41 17.16
C MET B 113 2.00 -7.87 18.60
N CYS B 114 1.67 -8.73 19.56
CA CYS B 114 1.61 -8.32 20.94
C CYS B 114 3.01 -8.01 21.49
N THR B 115 3.98 -8.89 21.21
CA THR B 115 5.33 -8.74 21.73
C THR B 115 6.06 -7.56 21.09
N ASN B 116 5.67 -7.20 19.86
CA ASN B 116 6.27 -6.06 19.17
C ASN B 116 5.52 -4.75 19.40
N GLU B 117 4.64 -4.73 20.41
CA GLU B 117 3.93 -3.52 20.82
C GLU B 117 3.01 -2.96 19.75
N VAL B 118 2.49 -3.84 18.89
CA VAL B 118 1.46 -3.48 17.91
C VAL B 118 0.25 -4.38 18.16
N GLU B 119 -0.17 -4.43 19.43
CA GLU B 119 -1.11 -5.44 19.86
C GLU B 119 -2.52 -5.22 19.33
N ASN B 120 -2.80 -4.04 18.80
CA ASN B 120 -4.06 -3.82 18.13
C ASN B 120 -4.23 -4.71 16.93
N TYR B 121 -3.15 -5.28 16.40
CA TYR B 121 -3.21 -6.22 15.29
C TYR B 121 -3.09 -7.68 15.76
N CYS B 122 -3.17 -7.92 17.06
CA CYS B 122 -3.25 -9.30 17.56
C CYS B 122 -4.40 -9.98 16.88
N PRO B 123 -4.21 -11.17 16.30
CA PRO B 123 -5.37 -11.84 15.73
C PRO B 123 -6.49 -12.15 16.74
N GLU B 124 -6.16 -12.17 18.03
CA GLU B 124 -7.15 -12.39 19.11
C GLU B 124 -7.45 -11.13 19.93
N ALA B 125 -7.22 -9.95 19.35
CA ALA B 125 -7.50 -8.71 20.05
C ALA B 125 -8.97 -8.68 20.38
N GLY B 126 -9.27 -8.25 21.60
CA GLY B 126 -10.61 -8.09 22.11
C GLY B 126 -11.05 -6.65 22.23
N SER B 127 -12.14 -6.30 21.54
CA SER B 127 -12.65 -4.93 21.60
C SER B 127 -13.48 -4.69 22.87
N ILE B 128 -13.47 -3.44 23.33
CA ILE B 128 -14.27 -3.08 24.50
C ILE B 128 -15.77 -3.29 24.27
N ASP B 129 -16.27 -3.07 23.06
CA ASP B 129 -17.69 -3.22 22.78
C ASP B 129 -18.11 -4.66 22.53
N SER B 130 -17.16 -5.59 22.38
CA SER B 130 -17.47 -7.01 22.16
C SER B 130 -18.07 -7.70 23.41
N ASN B 131 -17.79 -7.15 24.59
CA ASN B 131 -18.27 -7.68 25.89
C ASN B 131 -18.98 -6.61 26.73
N TYR B 132 -19.83 -5.88 26.03
CA TYR B 132 -20.51 -4.70 26.53
C TYR B 132 -19.60 -3.47 26.65
N GLY B 133 -19.79 -2.55 25.73
CA GLY B 133 -19.08 -1.31 25.75
C GLY B 133 -19.46 -0.38 26.91
N ALA B 134 -18.85 0.78 26.85
CA ALA B 134 -18.78 1.61 28.08
C ALA B 134 -19.56 2.89 27.94
N CYS B 135 -20.66 2.87 27.14
CA CYS B 135 -21.76 3.84 27.38
C CYS B 135 -22.58 3.31 28.56
N SER B 136 -21.98 3.47 29.73
CA SER B 136 -22.42 2.84 30.94
C SER B 136 -21.91 3.60 32.15
N ASN B 137 -22.42 3.23 33.33
CA ASN B 137 -22.00 3.90 34.52
C ASN B 137 -20.54 3.65 34.89
N ILE B 138 -20.11 2.40 34.71
N ILE B 138 -20.10 2.40 34.72
CA ILE B 138 -18.79 2.01 35.11
CA ILE B 138 -18.82 1.90 35.24
C ILE B 138 -18.19 1.10 34.07
C ILE B 138 -18.19 1.09 34.12
N ALA B 139 -16.86 1.10 34.07
CA ALA B 139 -16.07 0.19 33.23
C ALA B 139 -14.98 -0.41 34.11
N VAL B 140 -14.53 -1.60 33.74
CA VAL B 140 -13.48 -2.33 34.48
CA VAL B 140 -13.42 -2.22 34.46
C VAL B 140 -12.49 -2.82 33.42
N ILE B 141 -11.25 -2.34 33.46
CA ILE B 141 -10.31 -2.54 32.36
C ILE B 141 -8.98 -2.95 32.94
N ASN B 142 -8.31 -3.90 32.29
CA ASN B 142 -6.94 -4.21 32.69
C ASN B 142 -6.07 -2.97 32.56
N GLU B 143 -5.17 -2.76 33.55
CA GLU B 143 -4.40 -1.53 33.61
C GLU B 143 -3.54 -1.29 32.37
N ASN B 144 -3.16 -2.33 31.65
CA ASN B 144 -2.28 -2.17 30.49
C ASN B 144 -3.00 -1.55 29.30
N PHE B 145 -4.33 -1.42 29.39
CA PHE B 145 -5.14 -0.86 28.30
C PHE B 145 -5.81 0.44 28.70
N VAL B 146 -5.29 1.09 29.74
CA VAL B 146 -5.78 2.38 30.22
C VAL B 146 -4.66 3.39 30.07
N ILE B 147 -4.97 4.64 29.75
CA ILE B 147 -3.97 5.72 29.84
C ILE B 147 -4.37 6.72 30.90
N ARG B 148 -3.38 7.39 31.47
CA ARG B 148 -3.59 8.56 32.30
C ARG B 148 -3.92 9.72 31.38
N TRP B 149 -4.98 10.44 31.70
CA TRP B 149 -5.38 11.54 30.86
C TRP B 149 -4.50 12.77 31.13
N PRO B 150 -3.97 13.43 30.09
CA PRO B 150 -3.17 14.63 30.33
C PRO B 150 -3.96 15.74 30.99
N GLU B 151 -3.33 16.44 31.94
CA GLU B 151 -4.01 17.48 32.68
C GLU B 151 -4.49 18.65 31.81
N ASN B 152 -3.80 18.89 30.72
CA ASN B 152 -4.13 20.02 29.83
C ASN B 152 -5.06 19.69 28.66
N LEU B 153 -5.70 18.52 28.67
CA LEU B 153 -6.65 18.18 27.63
C LEU B 153 -8.04 18.11 28.22
N PRO B 154 -8.99 18.85 27.65
CA PRO B 154 -10.37 18.74 28.14
C PRO B 154 -10.91 17.33 27.96
N LEU B 155 -11.72 16.91 28.92
CA LEU B 155 -12.28 15.57 28.87
C LEU B 155 -13.34 15.39 27.79
N ASP B 156 -14.20 16.38 27.65
CA ASP B 156 -15.33 16.28 26.73
C ASP B 156 -14.93 16.38 25.27
N SER B 157 -14.12 17.38 24.95
CA SER B 157 -13.63 17.54 23.58
C SER B 157 -12.45 16.65 23.29
N GLY B 158 -11.81 16.11 24.32
CA GLY B 158 -10.68 15.24 24.11
C GLY B 158 -11.02 13.77 23.93
N VAL B 159 -12.16 13.29 24.47
CA VAL B 159 -12.44 11.87 24.41
C VAL B 159 -12.38 11.28 22.98
N PRO B 160 -12.83 12.00 21.93
CA PRO B 160 -12.73 11.39 20.60
C PRO B 160 -11.31 11.14 20.13
N LEU B 161 -10.30 11.71 20.80
CA LEU B 161 -8.92 11.35 20.48
C LEU B 161 -8.68 9.85 20.61
N LEU B 162 -9.44 9.19 21.48
CA LEU B 162 -9.30 7.76 21.70
C LEU B 162 -9.88 6.90 20.61
N CYS B 163 -10.54 7.52 19.62
CA CYS B 163 -11.10 6.85 18.47
C CYS B 163 -10.53 7.51 17.22
N ALA B 164 -10.98 8.71 16.90
CA ALA B 164 -10.45 9.42 15.74
C ALA B 164 -8.96 9.74 15.85
N GLY B 165 -8.51 10.18 17.00
CA GLY B 165 -7.11 10.59 17.14
C GLY B 165 -6.16 9.44 16.88
N ILE B 166 -6.36 8.34 17.60
CA ILE B 166 -5.45 7.20 17.39
C ILE B 166 -5.58 6.63 15.98
N THR B 167 -6.81 6.55 15.46
CA THR B 167 -7.01 5.92 14.16
C THR B 167 -6.26 6.68 13.08
N ALA B 168 -6.22 8.01 13.17
CA ALA B 168 -5.42 8.82 12.25
C ALA B 168 -3.93 8.77 12.55
N TYR B 169 -3.58 8.93 13.82
CA TYR B 169 -2.19 9.09 14.22
C TYR B 169 -1.35 7.86 13.88
N SER B 170 -1.87 6.68 14.18
CA SER B 170 -1.11 5.45 13.97
C SER B 170 -0.60 5.30 12.53
N PRO B 171 -1.46 5.34 11.52
CA PRO B 171 -0.95 5.23 10.16
C PRO B 171 -0.20 6.46 9.68
N MET B 172 -0.52 7.64 10.18
CA MET B 172 0.23 8.80 9.76
C MET B 172 1.71 8.62 10.17
N LYS B 173 1.96 8.10 11.37
CA LYS B 173 3.32 7.81 11.80
C LYS B 173 3.90 6.64 11.02
N ARG B 174 3.15 5.55 10.90
CA ARG B 174 3.67 4.32 10.28
C ARG B 174 4.07 4.53 8.83
N TYR B 175 3.28 5.32 8.11
CA TYR B 175 3.46 5.51 6.66
C TYR B 175 4.11 6.84 6.32
N GLY B 176 4.60 7.58 7.32
CA GLY B 176 5.38 8.77 7.04
C GLY B 176 4.61 9.96 6.54
N LEU B 177 3.32 10.04 6.91
CA LEU B 177 2.49 11.18 6.56
C LEU B 177 2.45 12.11 7.78
N ASP B 178 3.61 12.40 8.30
CA ASP B 178 3.82 13.16 9.51
C ASP B 178 4.99 14.13 9.40
N LYS B 179 5.26 14.59 8.19
CA LYS B 179 6.44 15.38 7.91
C LYS B 179 6.03 16.78 7.51
N PRO B 180 6.79 17.78 7.92
CA PRO B 180 6.45 19.13 7.55
C PRO B 180 6.61 19.39 6.08
N GLY B 181 5.70 20.21 5.55
CA GLY B 181 5.80 20.68 4.19
C GLY B 181 5.18 19.77 3.16
N LYS B 182 4.80 18.57 3.55
CA LYS B 182 4.16 17.70 2.60
C LYS B 182 2.71 18.00 2.44
N ARG B 183 2.16 17.54 1.34
CA ARG B 183 0.80 17.90 0.92
C ARG B 183 -0.07 16.70 1.22
N ILE B 184 -1.00 16.86 2.17
CA ILE B 184 -1.83 15.78 2.65
C ILE B 184 -3.29 16.11 2.36
N GLY B 185 -3.99 15.18 1.70
CA GLY B 185 -5.41 15.30 1.52
C GLY B 185 -6.19 14.60 2.62
N ILE B 186 -7.34 15.18 2.98
CA ILE B 186 -8.28 14.55 3.89
C ILE B 186 -9.55 14.40 3.10
N ALA B 187 -9.95 13.16 2.84
CA ALA B 187 -11.20 12.86 2.12
C ALA B 187 -12.29 12.59 3.12
N GLY B 188 -13.26 13.50 3.13
CA GLY B 188 -14.40 13.46 4.06
C GLY B 188 -14.08 14.26 5.30
N LEU B 189 -14.64 15.49 5.39
CA LEU B 189 -14.39 16.33 6.54
C LEU B 189 -15.45 16.03 7.59
N GLY B 190 -15.28 14.91 8.26
CA GLY B 190 -16.27 14.42 9.24
C GLY B 190 -15.58 14.17 10.57
N GLY B 191 -16.14 13.18 11.27
CA GLY B 191 -15.66 12.91 12.62
C GLY B 191 -14.19 12.58 12.66
N LEU B 192 -13.81 11.59 11.88
N LEU B 192 -13.80 11.53 11.92
CA LEU B 192 -12.45 11.21 11.81
CA LEU B 192 -12.37 11.18 11.76
C LEU B 192 -11.59 12.25 11.05
C LEU B 192 -11.58 12.25 11.04
N GLY B 193 -12.12 12.76 9.95
CA GLY B 193 -11.39 13.67 9.10
C GLY B 193 -10.98 14.95 9.75
N HIS B 194 -11.85 15.56 10.56
CA HIS B 194 -11.46 16.82 11.14
C HIS B 194 -10.31 16.68 12.14
N VAL B 195 -10.27 15.55 12.84
CA VAL B 195 -9.17 15.26 13.74
C VAL B 195 -7.90 14.94 12.95
N ALA B 196 -8.02 14.12 11.92
CA ALA B 196 -6.85 13.86 11.06
C ALA B 196 -6.27 15.16 10.51
N LEU B 197 -7.14 16.08 10.11
CA LEU B 197 -6.71 17.38 9.62
C LEU B 197 -5.87 18.10 10.67
N ARG B 198 -6.38 18.15 11.92
CA ARG B 198 -5.66 18.82 12.98
C ARG B 198 -4.29 18.19 13.25
N PHE B 199 -4.19 16.86 13.20
CA PHE B 199 -2.89 16.23 13.33
C PHE B 199 -1.97 16.63 12.16
N ALA B 200 -2.47 16.56 10.94
CA ALA B 200 -1.65 16.93 9.79
C ALA B 200 -1.13 18.35 9.92
N LYS B 201 -1.98 19.28 10.34
CA LYS B 201 -1.51 20.67 10.54
C LYS B 201 -0.43 20.74 11.59
N ALA B 202 -0.60 20.02 12.69
CA ALA B 202 0.38 20.04 13.76
C ALA B 202 1.72 19.42 13.33
N PHE B 203 1.68 18.45 12.42
CA PHE B 203 2.90 17.87 11.83
C PHE B 203 3.57 18.84 10.85
N GLY B 204 2.87 19.90 10.45
CA GLY B 204 3.41 20.89 9.54
C GLY B 204 3.04 20.66 8.09
N ALA B 205 2.05 19.81 7.82
CA ALA B 205 1.62 19.56 6.45
C ALA B 205 0.79 20.71 5.91
N LYS B 206 0.75 20.77 4.57
CA LYS B 206 -0.18 21.60 3.83
C LYS B 206 -1.38 20.73 3.51
N VAL B 207 -2.58 21.11 3.93
CA VAL B 207 -3.74 20.24 3.88
C VAL B 207 -4.71 20.65 2.81
N THR B 208 -5.12 19.67 2.01
CA THR B 208 -6.22 19.79 1.08
C THR B 208 -7.40 19.00 1.57
N VAL B 209 -8.56 19.62 1.71
CA VAL B 209 -9.77 18.89 2.05
C VAL B 209 -10.45 18.51 0.76
N ILE B 210 -10.85 17.22 0.67
CA ILE B 210 -11.62 16.69 -0.44
C ILE B 210 -13.00 16.36 0.13
N SER B 211 -14.03 17.07 -0.31
CA SER B 211 -15.34 17.00 0.32
C SER B 211 -16.40 16.83 -0.73
N SER B 212 -17.55 16.32 -0.31
CA SER B 212 -18.67 16.10 -1.22
C SER B 212 -19.46 17.34 -1.55
N SER B 213 -19.21 18.49 -0.96
CA SER B 213 -19.94 19.71 -1.40
C SER B 213 -19.21 20.94 -0.89
N LEU B 214 -19.76 22.10 -1.22
CA LEU B 214 -19.17 23.34 -0.76
C LEU B 214 -19.60 23.71 0.64
N LYS B 215 -20.50 22.95 1.28
CA LYS B 215 -21.04 23.36 2.57
C LYS B 215 -19.96 23.60 3.62
N LYS B 216 -18.93 22.76 3.60
CA LYS B 216 -17.90 22.84 4.61
C LYS B 216 -16.69 23.65 4.17
N LYS B 217 -16.78 24.35 3.05
CA LYS B 217 -15.65 25.11 2.55
C LYS B 217 -15.19 26.16 3.53
N ARG B 218 -16.12 27.00 4.01
CA ARG B 218 -15.75 28.06 4.92
C ARG B 218 -15.17 27.49 6.21
N GLU B 219 -15.75 26.40 6.71
CA GLU B 219 -15.24 25.72 7.90
C GLU B 219 -13.81 25.22 7.65
N ALA B 220 -13.59 24.61 6.51
CA ALA B 220 -12.29 24.08 6.19
C ALA B 220 -11.22 25.14 6.27
N PHE B 221 -11.52 26.32 5.74
N PHE B 221 -11.52 26.34 5.76
CA PHE B 221 -10.57 27.41 5.78
CA PHE B 221 -10.53 27.40 5.69
C PHE B 221 -10.53 28.10 7.15
C PHE B 221 -10.32 28.20 6.95
N GLU B 222 -11.69 28.49 7.66
N GLU B 222 -11.41 28.73 7.48
CA GLU B 222 -11.79 29.36 8.86
CA GLU B 222 -11.29 29.69 8.54
C GLU B 222 -11.78 28.64 10.23
C GLU B 222 -10.91 28.99 9.84
N LYS B 223 -12.31 27.42 10.27
N LYS B 223 -11.56 27.86 10.09
CA LYS B 223 -12.24 26.53 11.45
CA LYS B 223 -11.52 27.15 11.37
C LYS B 223 -10.87 25.79 11.43
C LYS B 223 -10.36 26.14 11.43
N PHE B 224 -10.41 25.33 10.27
N PHE B 224 -10.20 25.41 10.33
CA PHE B 224 -9.30 24.35 10.21
CA PHE B 224 -9.20 24.35 10.26
C PHE B 224 -7.97 24.76 9.54
C PHE B 224 -7.93 24.76 9.56
N GLY B 225 -7.93 25.89 8.84
CA GLY B 225 -6.69 26.32 8.18
C GLY B 225 -6.26 25.45 7.01
N ALA B 226 -7.23 24.88 6.30
CA ALA B 226 -6.88 24.15 5.09
C ALA B 226 -6.24 25.08 4.08
N ASP B 227 -5.34 24.51 3.29
CA ASP B 227 -4.70 25.25 2.23
C ASP B 227 -5.50 25.26 0.94
N SER B 228 -6.31 24.24 0.72
CA SER B 228 -7.19 24.19 -0.43
C SER B 228 -8.34 23.24 -0.13
N PHE B 229 -9.39 23.36 -0.94
CA PHE B 229 -10.62 22.62 -0.75
C PHE B 229 -11.13 22.21 -2.11
N LEU B 230 -11.32 20.92 -2.31
CA LEU B 230 -11.78 20.35 -3.57
C LEU B 230 -13.12 19.68 -3.36
N VAL B 231 -14.10 20.01 -4.21
CA VAL B 231 -15.38 19.33 -4.20
C VAL B 231 -15.29 18.14 -5.13
N SER B 232 -15.57 16.96 -4.59
CA SER B 232 -15.32 15.74 -5.33
C SER B 232 -16.26 15.58 -6.57
N SER B 233 -17.43 16.22 -6.56
CA SER B 233 -18.36 16.22 -7.70
C SER B 233 -18.07 17.30 -8.74
N ASN B 234 -16.99 18.06 -8.57
CA ASN B 234 -16.59 19.08 -9.53
C ASN B 234 -15.38 18.59 -10.33
N PRO B 235 -15.61 18.12 -11.56
CA PRO B 235 -14.51 17.48 -12.28
C PRO B 235 -13.34 18.39 -12.55
N GLU B 236 -13.61 19.68 -12.83
CA GLU B 236 -12.52 20.62 -13.09
C GLU B 236 -11.63 20.81 -11.88
N GLU B 237 -12.25 20.91 -10.70
CA GLU B 237 -11.50 21.11 -9.46
C GLU B 237 -10.62 19.86 -9.20
N MET B 238 -11.20 18.67 -9.35
CA MET B 238 -10.43 17.44 -9.12
C MET B 238 -9.31 17.29 -10.14
N GLN B 239 -9.61 17.52 -11.41
CA GLN B 239 -8.60 17.42 -12.47
C GLN B 239 -7.44 18.40 -12.25
N GLY B 240 -7.74 19.60 -11.77
CA GLY B 240 -6.71 20.61 -11.57
C GLY B 240 -5.69 20.25 -10.53
N ALA B 241 -6.05 19.33 -9.64
CA ALA B 241 -5.18 18.90 -8.56
C ALA B 241 -4.54 17.53 -8.81
N ALA B 242 -4.65 17.00 -10.02
CA ALA B 242 -4.07 15.70 -10.33
C ALA B 242 -2.59 15.66 -9.98
N GLY B 243 -2.15 14.58 -9.35
CA GLY B 243 -0.75 14.37 -9.13
C GLY B 243 -0.06 15.33 -8.20
N THR B 244 -0.78 15.90 -7.23
CA THR B 244 -0.24 16.94 -6.36
C THR B 244 -0.01 16.52 -4.92
N LEU B 245 -0.61 15.42 -4.44
CA LEU B 245 -0.60 15.11 -3.02
C LEU B 245 0.39 13.99 -2.68
N ASP B 246 1.08 14.16 -1.56
CA ASP B 246 1.96 13.11 -1.04
C ASP B 246 1.20 11.95 -0.42
N GLY B 247 0.05 12.24 0.19
CA GLY B 247 -0.74 11.24 0.84
C GLY B 247 -2.15 11.74 1.01
N ILE B 248 -3.07 10.79 1.19
CA ILE B 248 -4.50 11.08 1.43
C ILE B 248 -4.97 10.18 2.53
N ILE B 249 -5.73 10.74 3.46
CA ILE B 249 -6.42 9.99 4.48
C ILE B 249 -7.89 9.90 4.06
N ASP B 250 -8.35 8.72 3.69
CA ASP B 250 -9.72 8.49 3.23
C ASP B 250 -10.58 8.01 4.39
N THR B 251 -11.48 8.88 4.84
CA THR B 251 -12.36 8.60 5.96
C THR B 251 -13.78 8.21 5.56
N ILE B 252 -14.04 8.12 4.25
CA ILE B 252 -15.42 8.06 3.80
C ILE B 252 -16.04 6.71 4.19
N PRO B 253 -17.23 6.74 4.84
CA PRO B 253 -17.84 5.49 5.33
C PRO B 253 -18.71 4.81 4.33
N GLY B 254 -19.20 5.56 3.34
CA GLY B 254 -20.12 5.05 2.36
C GLY B 254 -19.46 4.66 1.08
N ASN B 255 -20.25 4.14 0.16
CA ASN B 255 -19.70 3.58 -1.05
C ASN B 255 -19.08 4.68 -1.89
N HIS B 256 -17.86 4.44 -2.36
CA HIS B 256 -17.17 5.43 -3.18
C HIS B 256 -16.05 4.75 -3.95
N SER B 257 -15.64 5.41 -5.03
CA SER B 257 -14.47 5.00 -5.79
C SER B 257 -13.20 5.62 -5.23
N LEU B 258 -12.14 4.82 -5.24
CA LEU B 258 -10.80 5.29 -4.92
C LEU B 258 -10.12 5.95 -6.10
N GLU B 259 -10.62 5.75 -7.33
CA GLU B 259 -9.89 6.26 -8.49
C GLU B 259 -9.63 7.78 -8.43
N PRO B 260 -10.62 8.60 -8.04
CA PRO B 260 -10.36 10.04 -7.98
C PRO B 260 -9.31 10.38 -6.94
N LEU B 261 -9.25 9.63 -5.86
CA LEU B 261 -8.26 9.88 -4.83
C LEU B 261 -6.87 9.49 -5.31
N LEU B 262 -6.77 8.29 -5.90
CA LEU B 262 -5.48 7.87 -6.46
C LEU B 262 -4.98 8.89 -7.49
N ALA B 263 -5.87 9.47 -8.30
CA ALA B 263 -5.44 10.43 -9.31
C ALA B 263 -4.84 11.69 -8.70
N LEU B 264 -5.24 12.06 -7.50
CA LEU B 264 -4.68 13.24 -6.82
C LEU B 264 -3.27 13.00 -6.29
N LEU B 265 -2.87 11.74 -6.12
CA LEU B 265 -1.56 11.43 -5.56
C LEU B 265 -0.47 11.65 -6.60
N LYS B 266 0.66 12.15 -6.12
CA LYS B 266 1.94 12.06 -6.81
C LYS B 266 2.35 10.61 -6.99
N PRO B 267 3.26 10.33 -7.92
CA PRO B 267 3.90 9.01 -7.92
C PRO B 267 4.48 8.70 -6.55
N LEU B 268 4.39 7.43 -6.17
CA LEU B 268 4.83 6.91 -4.86
C LEU B 268 3.96 7.38 -3.71
N GLY B 269 2.91 8.18 -4.00
CA GLY B 269 2.03 8.64 -2.94
C GLY B 269 1.21 7.53 -2.32
N LYS B 270 0.67 7.85 -1.15
CA LYS B 270 0.01 6.85 -0.31
C LYS B 270 -1.40 7.25 0.04
N LEU B 271 -2.32 6.34 -0.24
CA LEU B 271 -3.74 6.44 0.13
C LEU B 271 -3.98 5.57 1.35
N ILE B 272 -4.39 6.19 2.45
CA ILE B 272 -4.67 5.47 3.69
C ILE B 272 -6.18 5.34 3.81
N ILE B 273 -6.67 4.13 3.81
CA ILE B 273 -8.08 3.85 3.89
C ILE B 273 -8.46 3.53 5.31
N LEU B 274 -9.29 4.39 5.88
CA LEU B 274 -9.76 4.22 7.25
C LEU B 274 -11.23 3.90 7.31
N GLY B 275 -12.01 4.42 6.37
CA GLY B 275 -13.42 4.20 6.40
C GLY B 275 -13.76 2.84 5.90
N ALA B 276 -14.98 2.39 6.20
CA ALA B 276 -15.34 1.00 5.95
C ALA B 276 -16.67 0.86 5.17
N PRO B 277 -16.68 1.13 3.85
CA PRO B 277 -17.89 0.96 3.02
C PRO B 277 -18.28 -0.48 2.87
N GLU B 278 -19.58 -0.71 2.65
CA GLU B 278 -20.08 -2.03 2.35
C GLU B 278 -19.69 -2.48 0.96
N MET B 279 -19.74 -1.58 -0.02
CA MET B 279 -19.43 -1.96 -1.39
C MET B 279 -17.94 -2.07 -1.61
N PRO B 280 -17.48 -3.20 -2.19
CA PRO B 280 -16.03 -3.29 -2.48
C PRO B 280 -15.56 -2.23 -3.44
N PHE B 281 -14.27 -1.90 -3.32
CA PHE B 281 -13.64 -0.94 -4.22
C PHE B 281 -13.26 -1.61 -5.52
N GLU B 282 -13.56 -0.97 -6.63
CA GLU B 282 -13.10 -1.36 -7.95
C GLU B 282 -11.82 -0.60 -8.27
N VAL B 283 -10.69 -1.30 -8.42
CA VAL B 283 -9.39 -0.68 -8.59
C VAL B 283 -8.76 -1.20 -9.88
N PRO B 284 -8.82 -0.42 -10.97
CA PRO B 284 -8.08 -0.81 -12.17
C PRO B 284 -6.59 -0.88 -11.87
N ALA B 285 -5.90 -1.87 -12.38
CA ALA B 285 -4.47 -1.96 -12.12
C ALA B 285 -3.72 -0.68 -12.46
N PRO B 286 -4.01 -0.04 -13.61
CA PRO B 286 -3.26 1.18 -13.93
C PRO B 286 -3.41 2.31 -12.93
N SER B 287 -4.51 2.35 -12.17
N SER B 287 -4.52 2.36 -12.18
CA SER B 287 -4.68 3.41 -11.17
CA SER B 287 -4.69 3.40 -11.18
C SER B 287 -3.63 3.36 -10.07
C SER B 287 -3.64 3.35 -10.09
N LEU B 288 -3.08 2.16 -9.84
CA LEU B 288 -1.91 2.00 -8.94
C LEU B 288 -0.58 1.93 -9.65
N LEU B 289 -0.52 1.22 -10.76
CA LEU B 289 0.74 1.01 -11.46
C LEU B 289 1.30 2.28 -11.98
N MET B 290 0.45 3.15 -12.54
CA MET B 290 0.93 4.40 -13.09
CA MET B 290 0.93 4.40 -13.11
C MET B 290 1.32 5.30 -11.94
N GLY B 291 2.61 5.42 -11.71
CA GLY B 291 3.11 6.14 -10.59
C GLY B 291 3.45 5.31 -9.39
N GLY B 292 3.28 3.98 -9.42
CA GLY B 292 3.72 3.17 -8.29
C GLY B 292 3.10 3.59 -6.96
N LYS B 293 1.78 3.75 -6.95
CA LYS B 293 1.08 4.22 -5.77
C LYS B 293 0.76 3.11 -4.78
N VAL B 294 0.44 3.54 -3.56
CA VAL B 294 0.20 2.66 -2.43
C VAL B 294 -1.19 2.89 -1.88
N MET B 295 -1.87 1.79 -1.55
N MET B 295 -1.90 1.81 -1.59
CA MET B 295 -3.11 1.80 -0.73
CA MET B 295 -3.12 1.91 -0.76
C MET B 295 -2.86 1.00 0.51
C MET B 295 -2.93 1.02 0.48
N ALA B 296 -3.04 1.62 1.67
CA ALA B 296 -2.89 0.90 2.92
C ALA B 296 -4.12 1.17 3.76
N ALA B 297 -4.60 0.17 4.45
CA ALA B 297 -5.65 0.39 5.44
C ALA B 297 -5.03 0.32 6.81
N SER B 298 -5.80 0.72 7.81
CA SER B 298 -5.31 0.74 9.19
C SER B 298 -6.49 0.70 10.12
N THR B 299 -6.31 0.05 11.27
CA THR B 299 -7.32 0.05 12.31
C THR B 299 -6.73 0.43 13.64
N ALA B 300 -7.43 1.33 14.34
CA ALA B 300 -7.12 1.69 15.71
C ALA B 300 -5.63 2.02 15.84
N GLY B 301 -5.02 1.61 16.94
CA GLY B 301 -3.61 1.80 17.20
C GLY B 301 -3.25 1.11 18.48
N SER B 302 -1.96 1.02 18.74
CA SER B 302 -1.45 0.31 19.90
C SER B 302 -1.46 1.19 21.13
N MET B 303 -1.27 0.59 22.30
CA MET B 303 -1.14 1.37 23.52
C MET B 303 0.06 2.32 23.52
N LYS B 304 1.20 1.85 22.98
CA LYS B 304 2.35 2.74 22.84
C LYS B 304 2.01 3.94 21.95
N GLU B 305 1.33 3.68 20.86
CA GLU B 305 0.91 4.75 19.96
C GLU B 305 -0.11 5.69 20.61
N ILE B 306 -1.04 5.15 21.38
CA ILE B 306 -2.03 5.99 22.04
C ILE B 306 -1.34 6.92 23.03
N GLN B 307 -0.35 6.41 23.78
CA GLN B 307 0.36 7.26 24.71
C GLN B 307 1.09 8.38 23.98
N GLU B 308 1.78 8.05 22.89
N GLU B 308 1.78 8.04 22.89
CA GLU B 308 2.46 9.06 22.09
CA GLU B 308 2.49 9.04 22.15
C GLU B 308 1.47 10.07 21.53
C GLU B 308 1.50 10.06 21.54
N MET B 309 0.35 9.57 21.01
N MET B 309 0.38 9.56 21.02
CA MET B 309 -0.69 10.40 20.41
CA MET B 309 -0.62 10.42 20.43
C MET B 309 -1.22 11.41 21.42
C MET B 309 -1.21 11.40 21.44
N ILE B 310 -1.54 10.92 22.63
CA ILE B 310 -2.18 11.77 23.60
C ILE B 310 -1.22 12.83 24.10
N GLU B 311 0.07 12.51 24.18
CA GLU B 311 1.07 13.50 24.54
C GLU B 311 1.24 14.54 23.45
N PHE B 312 1.21 14.09 22.21
CA PHE B 312 1.29 14.98 21.06
C PHE B 312 0.06 15.92 21.03
N ALA B 313 -1.14 15.36 21.23
CA ALA B 313 -2.34 16.17 21.26
C ALA B 313 -2.30 17.21 22.40
N ALA B 314 -1.81 16.80 23.58
CA ALA B 314 -1.72 17.74 24.68
C ALA B 314 -0.73 18.86 24.35
N GLU B 315 0.41 18.51 23.77
CA GLU B 315 1.42 19.51 23.42
C GLU B 315 0.90 20.53 22.41
N HIS B 316 0.16 20.04 21.42
CA HIS B 316 -0.33 20.86 20.30
C HIS B 316 -1.77 21.34 20.45
N ASN B 317 -2.38 21.10 21.62
N ASN B 317 -2.35 21.10 21.63
CA ASN B 317 -3.76 21.50 21.90
CA ASN B 317 -3.75 21.43 21.95
C ASN B 317 -4.73 20.98 20.85
C ASN B 317 -4.72 20.99 20.86
N ILE B 318 -4.58 19.72 20.50
CA ILE B 318 -5.48 19.07 19.54
C ILE B 318 -6.64 18.44 20.29
N VAL B 319 -7.85 18.87 19.96
CA VAL B 319 -9.08 18.27 20.48
C VAL B 319 -10.03 18.11 19.29
N ALA B 320 -11.14 17.44 19.53
CA ALA B 320 -12.22 17.39 18.57
C ALA B 320 -13.18 18.54 18.79
N ASP B 321 -13.94 18.87 17.75
CA ASP B 321 -15.14 19.71 17.83
C ASP B 321 -16.29 18.79 18.19
N VAL B 322 -16.90 19.01 19.34
CA VAL B 322 -17.90 18.07 19.87
C VAL B 322 -19.22 18.74 20.12
N GLU B 323 -20.27 17.93 20.01
CA GLU B 323 -21.61 18.26 20.47
C GLU B 323 -21.92 17.32 21.63
N VAL B 324 -22.00 17.88 22.83
CA VAL B 324 -22.21 17.08 24.03
C VAL B 324 -23.71 16.84 24.17
N ILE B 325 -24.08 15.58 24.32
CA ILE B 325 -25.47 15.15 24.31
C ILE B 325 -25.80 14.36 25.55
N SER B 326 -27.10 14.24 25.82
CA SER B 326 -27.58 13.40 26.88
C SER B 326 -27.76 11.95 26.43
N ILE B 327 -27.85 11.06 27.42
CA ILE B 327 -28.19 9.68 27.14
C ILE B 327 -29.49 9.59 26.36
N ASP B 328 -30.52 10.35 26.76
CA ASP B 328 -31.82 10.20 26.09
C ASP B 328 -31.77 10.63 24.63
N TYR B 329 -30.79 11.49 24.27
CA TYR B 329 -30.63 11.97 22.90
C TYR B 329 -29.97 10.95 21.99
N VAL B 330 -29.43 9.83 22.51
CA VAL B 330 -28.59 8.97 21.69
C VAL B 330 -29.29 8.49 20.43
N ASN B 331 -30.56 8.07 20.48
CA ASN B 331 -31.16 7.59 19.25
C ASN B 331 -31.29 8.70 18.20
N THR B 332 -31.52 9.92 18.65
CA THR B 332 -31.55 11.06 17.73
C THR B 332 -30.17 11.27 17.09
N ALA B 333 -29.12 11.19 17.91
CA ALA B 333 -27.76 11.30 17.40
C ALA B 333 -27.46 10.22 16.37
N MET B 334 -27.90 9.00 16.63
CA MET B 334 -27.71 7.91 15.70
C MET B 334 -28.36 8.19 14.36
N GLU B 335 -29.58 8.73 14.38
CA GLU B 335 -30.23 9.11 13.15
C GLU B 335 -29.50 10.24 12.42
N ARG B 336 -29.00 11.21 13.17
CA ARG B 336 -28.21 12.28 12.57
C ARG B 336 -26.94 11.76 11.92
N LEU B 337 -26.34 10.72 12.50
CA LEU B 337 -25.14 10.13 11.87
C LEU B 337 -25.41 9.55 10.48
N ASP B 338 -26.63 9.16 10.16
CA ASP B 338 -26.90 8.68 8.80
C ASP B 338 -26.61 9.72 7.68
N ASN B 339 -26.60 11.00 8.01
N ASN B 339 -26.66 10.99 8.08
CA ASN B 339 -26.15 12.06 7.08
CA ASN B 339 -26.38 12.14 7.22
C ASN B 339 -24.98 12.85 7.64
C ASN B 339 -25.11 12.87 7.67
N SER B 340 -24.21 12.24 8.53
N SER B 340 -24.27 12.20 8.46
CA SER B 340 -23.06 12.89 9.15
CA SER B 340 -23.07 12.81 9.06
C SER B 340 -23.42 14.28 9.62
C SER B 340 -23.42 14.22 9.59
N ASP B 341 -24.60 14.39 10.22
CA ASP B 341 -25.16 15.70 10.56
C ASP B 341 -24.72 16.15 11.96
N VAL B 342 -23.44 16.40 12.10
CA VAL B 342 -22.85 16.83 13.35
C VAL B 342 -21.52 17.54 13.03
N ARG B 343 -21.12 18.48 13.88
CA ARG B 343 -19.92 19.28 13.67
CA ARG B 343 -19.91 19.28 13.66
C ARG B 343 -19.04 19.22 14.91
N TYR B 344 -18.30 18.12 15.11
CA TYR B 344 -18.08 17.00 14.21
C TYR B 344 -18.17 15.63 14.88
N ARG B 345 -18.30 15.57 16.22
CA ARG B 345 -18.48 14.30 16.90
CA ARG B 345 -18.46 14.33 16.96
C ARG B 345 -19.48 14.53 18.03
N PHE B 346 -20.33 13.52 18.27
CA PHE B 346 -21.16 13.48 19.45
C PHE B 346 -20.39 12.89 20.62
N VAL B 347 -20.58 13.50 21.79
CA VAL B 347 -20.02 13.00 23.03
C VAL B 347 -21.13 12.93 24.07
N ILE B 348 -21.34 11.76 24.65
CA ILE B 348 -22.42 11.54 25.60
C ILE B 348 -21.92 11.92 26.99
N ASP B 349 -22.67 12.80 27.67
CA ASP B 349 -22.36 13.24 29.04
C ASP B 349 -22.95 12.22 30.00
N ILE B 350 -22.18 11.18 30.27
CA ILE B 350 -22.62 10.10 31.14
C ILE B 350 -22.74 10.58 32.56
N GLY B 351 -21.73 11.29 33.04
CA GLY B 351 -21.69 11.67 34.42
C GLY B 351 -22.89 12.54 34.83
N ASN B 352 -23.33 13.43 33.95
CA ASN B 352 -24.42 14.30 34.30
C ASN B 352 -25.79 13.80 33.88
N THR B 353 -25.89 12.84 32.95
CA THR B 353 -27.18 12.47 32.38
C THR B 353 -27.58 11.03 32.47
N LEU B 354 -26.68 10.09 32.75
CA LEU B 354 -27.12 8.72 32.91
C LEU B 354 -27.77 8.56 34.27
N LYS B 355 -28.98 8.03 34.28
CA LYS B 355 -29.79 7.99 35.49
C LYS B 355 -29.37 6.84 36.30
N SER B 356 -29.24 7.13 37.59
CA SER B 356 -28.83 6.24 38.64
C SER B 356 -30.00 5.89 39.56
PA NAP C . 5.07 -14.63 -17.57
O1A NAP C . 4.02 -14.95 -18.61
O2A NAP C . 6.50 -15.08 -17.82
O5B NAP C . 4.73 -15.18 -16.12
C5B NAP C . 3.46 -14.87 -15.53
C4B NAP C . 3.11 -16.03 -14.61
O4B NAP C . 1.84 -15.68 -14.02
C3B NAP C . 2.86 -17.34 -15.33
O3B NAP C . 4.02 -18.14 -15.51
C2B NAP C . 1.84 -18.00 -14.43
O2B NAP C . 2.51 -18.57 -13.29
C1B NAP C . 1.00 -16.83 -13.93
N9A NAP C . -0.21 -16.58 -14.69
C8A NAP C . -0.33 -16.20 -16.00
N7A NAP C . -1.57 -15.97 -16.38
C5A NAP C . -2.30 -16.23 -15.23
C6A NAP C . -3.68 -16.12 -14.96
N6A NAP C . -4.58 -15.77 -15.88
N1A NAP C . -4.08 -16.41 -13.70
C2A NAP C . -3.17 -16.79 -12.79
N3A NAP C . -1.86 -16.92 -12.94
C4A NAP C . -1.48 -16.62 -14.19
O3 NAP C . 5.01 -13.02 -17.43
PN NAP C . 6.09 -12.07 -16.72
O1N NAP C . 6.42 -12.66 -15.39
O2N NAP C . 7.17 -11.79 -17.66
O5D NAP C . 5.27 -10.73 -16.60
C5D NAP C . 4.14 -10.71 -15.74
C4D NAP C . 3.49 -9.37 -15.80
O4D NAP C . 4.38 -8.38 -15.29
C3D NAP C . 3.04 -8.89 -17.17
O3D NAP C . 1.71 -8.37 -17.03
C2D NAP C . 4.05 -7.81 -17.52
O2D NAP C . 3.54 -6.77 -18.34
C1D NAP C . 4.29 -7.25 -16.14
N1N NAP C . 5.55 -6.45 -16.02
C2N NAP C . 5.46 -5.38 -15.22
C3N NAP C . 6.58 -4.62 -14.97
C7N NAP C . 6.55 -3.54 -13.95
O7N NAP C . 7.41 -2.68 -13.98
N7N NAP C . 5.53 -3.53 -13.07
C4N NAP C . 7.79 -4.96 -15.60
C5N NAP C . 7.85 -6.08 -16.41
C6N NAP C . 6.71 -6.84 -16.58
P2B NAP C . 2.12 -20.05 -12.79
O1X NAP C . 3.05 -20.26 -11.64
O2X NAP C . 2.37 -20.94 -13.96
O3X NAP C . 0.66 -20.03 -12.41
ZN ZN D . 11.13 -7.37 -20.29
ZN ZN E . 11.00 14.24 -14.40
C1 EDO F . -3.89 -15.49 -7.19
O1 EDO F . -4.07 -16.41 -8.22
C2 EDO F . -5.08 -15.36 -6.26
O2 EDO F . -6.26 -14.96 -6.95
ZN ZN G . -15.62 5.97 17.80
PA NAP H . -18.59 10.68 9.67
PA NAP H . -18.64 10.50 9.38
O1A NAP H . -19.94 10.27 9.20
O1A NAP H . -20.08 10.19 9.35
O2A NAP H . -18.50 11.51 10.96
O2A NAP H . -18.26 11.75 10.09
O5B NAP H . -17.71 11.46 8.60
O5B NAP H . -18.23 10.49 7.76
C5B NAP H . -17.54 10.85 7.30
C5B NAP H . -17.02 11.12 7.36
C4B NAP H . -17.42 11.94 6.27
C4B NAP H . -17.25 12.05 6.22
O4B NAP H . -17.29 11.30 4.98
O4B NAP H . -17.32 11.28 5.01
C3B NAP H . -18.62 12.87 6.15
C3B NAP H . -18.53 12.87 6.21
O3B NAP H . -18.54 13.99 7.00
O3B NAP H . -18.45 14.01 7.04
C2B NAP H . -18.57 13.25 4.67
C2B NAP H . -18.58 13.24 4.72
O2B NAP H . -17.61 14.31 4.50
O2B NAP H . -17.61 14.28 4.51
C1B NAP H . -18.03 12.00 4.01
C1B NAP H . -18.06 11.99 4.03
N9A NAP H . -19.06 11.12 3.49
N9A NAP H . -19.09 11.12 3.51
C8A NAP H . -19.99 10.40 4.20
C8A NAP H . -20.01 10.38 4.21
N7A NAP H . -20.66 9.53 3.49
N7A NAP H . -20.65 9.51 3.48
C5A NAP H . -20.16 9.71 2.21
C5A NAP H . -20.14 9.71 2.21
C6A NAP H . -20.46 9.10 0.99
C6A NAP H . -20.40 9.07 0.99
N6A NAP H . -21.36 8.15 0.85
N6A NAP H . -21.29 8.08 0.85
N1A NAP H . -19.76 9.50 -0.10
N1A NAP H . -19.71 9.48 -0.09
C2A NAP H . -18.83 10.45 0.04
C2A NAP H . -18.80 10.45 0.05
N3A NAP H . -18.46 11.10 1.15
N3A NAP H . -18.46 11.12 1.16
C4A NAP H . -19.18 10.69 2.20
C4A NAP H . -19.18 10.70 2.21
O3 NAP H . -17.87 9.29 9.97
O3 NAP H . -17.86 9.24 9.95
PN NAP H . -16.53 9.00 10.80
PN NAP H . -16.46 9.08 10.72
O1N NAP H . -15.53 9.96 10.29
O1N NAP H . -15.46 10.03 10.20
O2N NAP H . -16.85 8.96 12.23
O2N NAP H . -16.79 9.08 12.15
O5D NAP H . -16.22 7.51 10.37
O5D NAP H . -16.12 7.56 10.40
C5D NAP H . -15.85 7.25 9.03
C5D NAP H . -15.85 7.26 9.03
C4D NAP H . -15.57 5.77 8.86
C4D NAP H . -15.59 5.80 8.81
O4D NAP H . -14.39 5.40 9.61
O4D NAP H . -14.37 5.41 9.49
C3D NAP H . -16.66 4.79 9.28
C3D NAP H . -16.65 4.80 9.24
O3D NAP H . -16.85 3.85 8.23
O3D NAP H . -16.82 3.87 8.18
C2D NAP H . -16.07 4.12 10.52
C2D NAP H . -16.03 4.17 10.49
O2D NAP H . -16.44 2.76 10.66
O2D NAP H . -16.41 2.82 10.75
C1D NAP H . -14.59 4.15 10.20
C1D NAP H . -14.57 4.18 10.11
N1N NAP H . -13.72 4.04 11.39
N1N NAP H . -13.68 4.07 11.28
C2N NAP H . -12.61 3.30 11.19
C2N NAP H . -12.60 3.29 11.11
C3N NAP H . -11.72 3.12 12.21
C3N NAP H . -11.72 3.09 12.15
C7N NAP H . -10.44 2.41 11.97
C7N NAP H . -10.44 2.41 11.90
O7N NAP H . -9.78 2.03 12.92
O7N NAP H . -9.80 1.97 12.85
N7N NAP H . -10.10 2.19 10.69
N7N NAP H . -10.06 2.25 10.63
C4N NAP H . -11.98 3.71 13.44
C4N NAP H . -11.98 3.70 13.37
C5N NAP H . -13.09 4.51 13.61
C5N NAP H . -13.08 4.53 13.50
C6N NAP H . -13.95 4.68 12.55
C6N NAP H . -13.91 4.72 12.43
P2B NAP H . -17.94 15.57 3.53
P2B NAP H . -17.95 15.56 3.61
O1X NAP H . -16.70 16.40 3.66
O1X NAP H . -16.74 16.42 3.75
O2X NAP H . -19.19 16.21 4.12
O2X NAP H . -19.20 16.17 4.18
O3X NAP H . -18.20 15.04 2.18
O3X NAP H . -18.15 15.04 2.24
ZN ZN I . -1.46 -11.41 20.36
C1 EDO J . -32.61 5.83 24.53
O1 EDO J . -33.22 6.74 25.40
C2 EDO J . -31.53 6.50 23.72
O2 EDO J . -32.06 7.56 22.87
#